data_4PL0
#
_entry.id   4PL0
#
_cell.length_a   80.830
_cell.length_b   107.920
_cell.length_c   232.960
_cell.angle_alpha   90.00
_cell.angle_beta   90.00
_cell.angle_gamma   90.00
#
_symmetry.space_group_name_H-M   'P 21 21 21'
#
loop_
_entity.id
_entity.type
_entity.pdbx_description
1 polymer 'Microcin-J25 export ATP-binding/permease protein McjD'
2 non-polymer 'PHOSPHOAMINOPHOSPHONIC ACID-ADENYLATE ESTER'
3 non-polymer 'MAGNESIUM ION'
4 non-polymer 'nonyl beta-D-glucopyranoside'
#
_entity_poly.entity_id   1
_entity_poly.type   'polypeptide(L)'
_entity_poly.pdbx_seq_one_letter_code
;MERKQKNSLFNYIYSLMDVRGKFLFFSMLFITSLSSIIISISPLILAKITDLLSGSLSNFSYEYLVLLACLYMFCVISNK
ASVFLFMILQSSLRINMQKKMSLKYLRELYNENITNLSKNNAGYTTQSLNQASNDIYILVRNVSQNILSPVIQLISTIVV
VLSTKDWFSAGVFFLYILVFVIFNTRLTGSLASLRKHSMDITLNSYSLLSDTVDNMIAAKKNNALRLISERYEDALTQEN
NAQKKYWLLSSKVLLLNSLLAVILFGSVFIYNILGVLNGVVSIGHFIMITSYIILLSTPVENIGALLSEIRQSMSSLAGF
IQRHAENKATSPSIPFLNMERKLNLSIRELSFSYSDDKKILNSVSLDLFTGKMYSLTGPSGSGKSTLVKIISGYYKNYFG
DIYLNDISLRNISDEDLNDAIYYLTQDDYIFMDTLRFNLRLANYDASENEIFKVLKLANLSVVNNEPVSLDTHLINRGNN
YSGGQKQRISLARLFLRKPAIIIIDEATSALDYINESEILSSIRTHFPDALIINISHRINLLECSDCVYVLNEGNIVASG
HFRDLMVSNEYISGLASVTE
;
_entity_poly.pdbx_strand_id   A,B
#
loop_
_chem_comp.id
_chem_comp.type
_chem_comp.name
_chem_comp.formula
ANP non-polymer 'PHOSPHOAMINOPHOSPHONIC ACID-ADENYLATE ESTER' 'C10 H17 N6 O12 P3'
BNG D-saccharide 'nonyl beta-D-glucopyranoside' 'C15 H30 O6'
MG non-polymer 'MAGNESIUM ION' 'Mg 2'
#
# COMPACT_ATOMS: atom_id res chain seq x y z
N LEU A 9 -13.31 -15.14 15.02
CA LEU A 9 -12.04 -14.98 14.31
C LEU A 9 -11.71 -16.20 13.46
N PHE A 10 -11.65 -17.40 14.09
CA PHE A 10 -11.31 -18.65 13.43
C PHE A 10 -12.40 -19.10 12.45
N ASN A 11 -13.66 -18.70 12.70
CA ASN A 11 -14.77 -19.00 11.80
C ASN A 11 -14.59 -18.16 10.51
N TYR A 12 -14.12 -16.89 10.66
CA TYR A 12 -13.86 -16.00 9.53
C TYR A 12 -12.72 -16.55 8.66
N ILE A 13 -11.65 -17.09 9.28
CA ILE A 13 -10.51 -17.66 8.55
C ILE A 13 -10.96 -18.94 7.83
N TYR A 14 -11.72 -19.79 8.53
CA TYR A 14 -12.24 -21.04 8.00
C TYR A 14 -13.13 -20.81 6.76
N SER A 15 -14.01 -19.77 6.82
CA SER A 15 -14.93 -19.36 5.75
C SER A 15 -14.20 -18.96 4.44
N LEU A 16 -12.96 -18.41 4.55
CA LEU A 16 -12.12 -17.98 3.43
C LEU A 16 -11.59 -19.20 2.63
N MET A 17 -11.74 -20.43 3.17
CA MET A 17 -11.27 -21.67 2.54
C MET A 17 -12.38 -22.38 1.82
N ASP A 18 -12.26 -22.53 0.48
CA ASP A 18 -13.23 -23.29 -0.31
C ASP A 18 -12.93 -24.80 -0.12
N VAL A 19 -13.44 -25.69 -1.00
CA VAL A 19 -13.15 -27.12 -0.82
C VAL A 19 -11.65 -27.38 -0.99
N ARG A 20 -11.02 -26.84 -2.07
CA ARG A 20 -9.59 -27.01 -2.30
C ARG A 20 -8.79 -26.43 -1.13
N GLY A 21 -9.28 -25.34 -0.56
CA GLY A 21 -8.65 -24.69 0.59
C GLY A 21 -8.67 -25.53 1.85
N LYS A 22 -9.77 -26.26 2.07
CA LYS A 22 -9.90 -27.10 3.25
C LYS A 22 -8.99 -28.33 3.14
N PHE A 23 -8.88 -28.92 1.93
CA PHE A 23 -8.00 -30.07 1.66
C PHE A 23 -6.54 -29.69 1.94
N LEU A 24 -6.06 -28.61 1.28
CA LEU A 24 -4.69 -28.08 1.42
C LEU A 24 -4.36 -27.82 2.88
N PHE A 25 -5.32 -27.29 3.66
CA PHE A 25 -5.12 -27.04 5.07
C PHE A 25 -4.98 -28.36 5.87
N PHE A 26 -5.86 -29.35 5.60
CA PHE A 26 -5.82 -30.62 6.33
C PHE A 26 -4.59 -31.44 5.91
N SER A 27 -4.20 -31.41 4.62
CA SER A 27 -2.99 -32.07 4.12
C SER A 27 -1.76 -31.51 4.86
N MET A 28 -1.72 -30.19 5.05
CA MET A 28 -0.65 -29.50 5.79
C MET A 28 -0.58 -29.98 7.23
N LEU A 29 -1.74 -30.20 7.89
CA LEU A 29 -1.83 -30.67 9.27
C LEU A 29 -1.41 -32.14 9.37
N PHE A 30 -1.90 -32.99 8.44
CA PHE A 30 -1.60 -34.41 8.40
C PHE A 30 -0.10 -34.67 8.22
N ILE A 31 0.50 -34.19 7.11
CA ILE A 31 1.92 -34.33 6.77
C ILE A 31 2.82 -33.83 7.94
N THR A 32 2.48 -32.69 8.59
CA THR A 32 3.24 -32.18 9.74
C THR A 32 3.16 -33.17 10.92
N SER A 33 1.99 -33.83 11.12
CA SER A 33 1.73 -34.78 12.21
C SER A 33 2.43 -36.11 11.96
N LEU A 34 2.30 -36.66 10.74
CA LEU A 34 2.92 -37.92 10.32
C LEU A 34 4.45 -37.85 10.48
N SER A 35 5.09 -36.76 9.99
CA SER A 35 6.54 -36.59 10.10
C SER A 35 7.05 -36.48 11.54
N SER A 36 6.22 -35.95 12.48
CA SER A 36 6.67 -35.85 13.86
C SER A 36 6.62 -37.22 14.53
N ILE A 37 5.73 -38.13 14.05
CA ILE A 37 5.63 -39.52 14.55
C ILE A 37 6.94 -40.22 14.15
N ILE A 38 7.21 -40.24 12.84
CA ILE A 38 8.41 -40.83 12.23
C ILE A 38 9.70 -40.28 12.94
N ILE A 39 9.91 -38.96 12.95
CA ILE A 39 11.13 -38.41 13.56
C ILE A 39 11.23 -38.70 15.10
N SER A 40 10.13 -39.10 15.78
CA SER A 40 10.24 -39.37 17.22
C SER A 40 10.81 -40.79 17.51
N ILE A 41 10.92 -41.65 16.48
CA ILE A 41 11.56 -42.98 16.61
C ILE A 41 13.10 -42.79 16.64
N SER A 42 13.61 -41.87 15.80
CA SER A 42 15.01 -41.50 15.55
C SER A 42 15.99 -41.65 16.73
N PRO A 43 15.82 -41.09 17.96
CA PRO A 43 16.87 -41.28 18.98
C PRO A 43 17.04 -42.73 19.44
N LEU A 44 15.97 -43.57 19.35
CA LEU A 44 16.04 -44.99 19.70
C LEU A 44 16.87 -45.77 18.70
N ILE A 45 16.78 -45.41 17.39
CA ILE A 45 17.56 -46.06 16.34
C ILE A 45 19.05 -45.72 16.54
N LEU A 46 19.33 -44.52 17.03
CA LEU A 46 20.69 -44.09 17.31
C LEU A 46 21.25 -44.88 18.47
N ALA A 47 20.43 -45.12 19.51
CA ALA A 47 20.78 -45.92 20.69
C ALA A 47 21.19 -47.33 20.25
N LYS A 48 20.28 -48.07 19.54
CA LYS A 48 20.55 -49.40 18.98
C LYS A 48 21.87 -49.40 18.18
N ILE A 49 22.12 -48.38 17.35
CA ILE A 49 23.39 -48.29 16.62
C ILE A 49 24.55 -48.14 17.64
N THR A 50 24.42 -47.33 18.70
CA THR A 50 25.49 -47.22 19.72
C THR A 50 25.68 -48.59 20.48
N ASP A 51 24.56 -49.30 20.77
CA ASP A 51 24.54 -50.61 21.43
C ASP A 51 25.37 -51.66 20.65
N LEU A 52 25.09 -51.78 19.33
CA LEU A 52 25.75 -52.70 18.41
C LEU A 52 27.26 -52.44 18.30
N LEU A 53 27.68 -51.16 18.34
CA LEU A 53 29.09 -50.77 18.24
C LEU A 53 29.94 -51.36 19.36
N SER A 54 29.37 -51.50 20.59
CA SER A 54 30.06 -52.06 21.76
C SER A 54 29.84 -53.59 21.89
N GLY A 55 29.18 -54.19 20.90
CA GLY A 55 28.93 -55.62 20.85
C GLY A 55 30.05 -56.39 20.16
N SER A 56 29.73 -57.63 19.77
CA SER A 56 30.60 -58.60 19.11
C SER A 56 30.97 -58.22 17.68
N LEU A 57 30.05 -57.54 16.96
CA LEU A 57 30.14 -57.14 15.55
C LEU A 57 30.20 -58.41 14.65
N SER A 58 29.20 -59.27 14.80
CA SER A 58 29.00 -60.46 13.98
C SER A 58 28.31 -60.06 12.67
N ASN A 59 28.30 -60.94 11.66
CA ASN A 59 27.68 -60.73 10.35
C ASN A 59 26.27 -60.12 10.50
N PHE A 60 25.48 -60.67 11.43
CA PHE A 60 24.10 -60.30 11.77
C PHE A 60 24.07 -58.94 12.48
N SER A 61 25.01 -58.69 13.41
CA SER A 61 25.16 -57.39 14.09
C SER A 61 25.50 -56.29 13.05
N TYR A 62 26.33 -56.62 12.01
CA TYR A 62 26.68 -55.69 10.92
C TYR A 62 25.46 -55.41 10.04
N GLU A 63 24.72 -56.47 9.65
CA GLU A 63 23.51 -56.34 8.84
C GLU A 63 22.47 -55.52 9.60
N TYR A 64 22.32 -55.75 10.93
CA TYR A 64 21.36 -55.03 11.76
C TYR A 64 21.72 -53.56 11.90
N LEU A 65 23.01 -53.23 11.88
CA LEU A 65 23.53 -51.85 11.93
C LEU A 65 23.19 -51.09 10.65
N VAL A 66 23.28 -51.76 9.49
CA VAL A 66 22.97 -51.21 8.19
C VAL A 66 21.44 -50.95 8.09
N LEU A 67 20.59 -51.98 8.34
CA LEU A 67 19.13 -51.86 8.31
C LEU A 67 18.69 -50.71 9.24
N LEU A 68 19.36 -50.57 10.40
CA LEU A 68 19.13 -49.50 11.37
C LEU A 68 19.49 -48.16 10.76
N ALA A 69 20.69 -48.05 10.14
CA ALA A 69 21.16 -46.82 9.49
C ALA A 69 20.23 -46.42 8.35
N CYS A 70 19.63 -47.41 7.64
CA CYS A 70 18.67 -47.12 6.59
C CYS A 70 17.37 -46.54 7.16
N LEU A 71 16.91 -47.06 8.31
CA LEU A 71 15.69 -46.53 8.96
C LEU A 71 15.90 -45.09 9.42
N TYR A 72 17.09 -44.76 9.97
CA TYR A 72 17.40 -43.38 10.37
C TYR A 72 17.42 -42.46 9.16
N MET A 73 17.89 -42.97 8.00
CA MET A 73 17.91 -42.18 6.77
C MET A 73 16.50 -41.91 6.30
N PHE A 74 15.61 -42.94 6.35
CA PHE A 74 14.20 -42.82 5.97
C PHE A 74 13.55 -41.75 6.83
N CYS A 75 13.83 -41.73 8.15
CA CYS A 75 13.34 -40.72 9.08
C CYS A 75 13.72 -39.31 8.59
N VAL A 76 15.04 -39.07 8.45
CA VAL A 76 15.61 -37.80 7.99
C VAL A 76 15.03 -37.40 6.59
N ILE A 77 14.97 -38.32 5.61
CA ILE A 77 14.42 -38.04 4.27
C ILE A 77 12.92 -37.69 4.38
N SER A 78 12.12 -38.55 5.04
CA SER A 78 10.68 -38.30 5.15
C SER A 78 10.38 -36.98 5.88
N ASN A 79 11.17 -36.64 6.92
CA ASN A 79 11.02 -35.36 7.63
C ASN A 79 11.30 -34.18 6.69
N LYS A 80 12.35 -34.27 5.84
CA LYS A 80 12.62 -33.18 4.90
C LYS A 80 11.59 -33.14 3.76
N ALA A 81 11.19 -34.31 3.22
CA ALA A 81 10.17 -34.33 2.16
C ALA A 81 8.90 -33.63 2.68
N SER A 82 8.56 -33.88 3.96
CA SER A 82 7.42 -33.28 4.66
C SER A 82 7.52 -31.76 4.70
N VAL A 83 8.72 -31.20 5.00
CA VAL A 83 8.98 -29.75 5.04
C VAL A 83 8.71 -29.15 3.64
N PHE A 84 9.31 -29.73 2.58
CA PHE A 84 9.10 -29.27 1.20
C PHE A 84 7.63 -29.40 0.80
N LEU A 85 6.99 -30.53 1.13
CA LEU A 85 5.57 -30.72 0.81
C LEU A 85 4.68 -29.73 1.56
N PHE A 86 5.02 -29.41 2.82
CA PHE A 86 4.23 -28.45 3.58
C PHE A 86 4.33 -27.06 2.94
N MET A 87 5.53 -26.61 2.55
CA MET A 87 5.64 -25.26 1.99
C MET A 87 4.95 -25.16 0.62
N ILE A 88 4.99 -26.24 -0.20
CA ILE A 88 4.27 -26.30 -1.49
C ILE A 88 2.75 -26.13 -1.24
N LEU A 89 2.19 -26.83 -0.23
CA LEU A 89 0.75 -26.75 0.08
C LEU A 89 0.37 -25.39 0.66
N GLN A 90 1.26 -24.82 1.48
CA GLN A 90 1.07 -23.52 2.11
C GLN A 90 0.90 -22.43 1.04
N SER A 91 1.86 -22.34 0.07
CA SER A 91 1.74 -21.36 -1.02
C SER A 91 0.48 -21.60 -1.84
N SER A 92 0.13 -22.88 -2.11
CA SER A 92 -1.10 -23.19 -2.85
C SER A 92 -2.33 -22.68 -2.07
N LEU A 93 -2.33 -22.90 -0.74
CA LEU A 93 -3.40 -22.41 0.13
C LEU A 93 -3.40 -20.85 0.20
N ARG A 94 -2.19 -20.19 0.19
CA ARG A 94 -2.11 -18.72 0.26
C ARG A 94 -2.85 -18.18 -0.95
N ILE A 95 -2.47 -18.64 -2.17
CA ILE A 95 -3.06 -18.28 -3.46
C ILE A 95 -4.57 -18.43 -3.38
N ASN A 96 -5.02 -19.59 -2.91
CA ASN A 96 -6.42 -19.97 -2.78
C ASN A 96 -7.19 -18.97 -1.91
N MET A 97 -6.75 -18.77 -0.66
CA MET A 97 -7.43 -17.88 0.28
C MET A 97 -7.35 -16.38 -0.07
N GLN A 98 -6.28 -15.98 -0.80
CA GLN A 98 -5.99 -14.59 -1.20
C GLN A 98 -7.19 -13.83 -1.84
N LYS A 99 -7.67 -14.30 -3.01
CA LYS A 99 -8.78 -13.70 -3.75
C LYS A 99 -10.01 -13.50 -2.85
N LYS A 100 -10.54 -14.58 -2.25
CA LYS A 100 -11.71 -14.55 -1.37
C LYS A 100 -11.58 -13.50 -0.27
N MET A 101 -10.38 -13.37 0.35
CA MET A 101 -10.06 -12.41 1.42
C MET A 101 -10.19 -10.96 0.91
N SER A 102 -9.57 -10.68 -0.24
CA SER A 102 -9.51 -9.36 -0.85
C SER A 102 -10.89 -8.85 -1.28
N LEU A 103 -11.72 -9.70 -1.93
CA LEU A 103 -13.07 -9.28 -2.34
C LEU A 103 -13.95 -9.00 -1.13
N LYS A 104 -13.91 -9.86 -0.10
CA LYS A 104 -14.65 -9.65 1.14
C LYS A 104 -14.35 -8.26 1.72
N TYR A 105 -13.08 -7.79 1.59
CA TYR A 105 -12.65 -6.47 2.06
C TYR A 105 -13.32 -5.36 1.25
N LEU A 106 -13.22 -5.43 -0.10
CA LEU A 106 -13.82 -4.46 -1.01
C LEU A 106 -15.33 -4.35 -0.78
N ARG A 107 -16.01 -5.51 -0.71
CA ARG A 107 -17.44 -5.59 -0.44
C ARG A 107 -17.73 -5.05 0.95
N GLU A 108 -16.83 -5.29 1.92
CA GLU A 108 -17.02 -4.76 3.28
C GLU A 108 -16.88 -3.26 3.28
N LEU A 109 -16.00 -2.72 2.41
CA LEU A 109 -15.74 -1.28 2.32
C LEU A 109 -16.92 -0.53 1.68
N TYR A 110 -17.57 -1.17 0.69
CA TYR A 110 -18.76 -0.66 0.00
C TYR A 110 -19.93 -0.49 0.97
N ASN A 111 -20.09 -1.41 1.93
CA ASN A 111 -21.20 -1.40 2.89
C ASN A 111 -20.94 -0.45 4.07
N GLU A 112 -19.76 0.19 4.11
CA GLU A 112 -19.44 1.13 5.19
C GLU A 112 -20.12 2.50 4.95
N ASN A 113 -20.34 3.26 6.04
CA ASN A 113 -20.93 4.59 5.99
C ASN A 113 -19.86 5.61 5.55
N ILE A 114 -20.29 6.68 4.82
CA ILE A 114 -19.48 7.78 4.27
C ILE A 114 -18.59 8.43 5.34
N THR A 115 -19.15 8.64 6.56
CA THR A 115 -18.45 9.25 7.69
C THR A 115 -17.22 8.43 8.09
N ASN A 116 -17.37 7.08 8.12
CA ASN A 116 -16.32 6.14 8.47
C ASN A 116 -15.32 5.95 7.34
N LEU A 117 -15.79 6.01 6.08
CA LEU A 117 -14.96 5.87 4.89
C LEU A 117 -13.98 7.03 4.78
N SER A 118 -14.48 8.26 5.04
CA SER A 118 -13.74 9.53 4.96
C SER A 118 -12.61 9.62 5.99
N LYS A 119 -12.72 8.83 7.09
CA LYS A 119 -11.77 8.79 8.22
C LYS A 119 -10.32 8.48 7.81
N ASN A 120 -10.11 7.57 6.82
CA ASN A 120 -8.78 7.10 6.40
C ASN A 120 -8.62 7.07 4.88
N ASN A 121 -7.37 7.24 4.37
CA ASN A 121 -7.11 7.24 2.93
C ASN A 121 -6.89 5.84 2.35
N ALA A 122 -6.54 5.79 1.05
CA ALA A 122 -6.28 4.56 0.31
C ALA A 122 -4.99 3.91 0.78
N GLY A 123 -3.95 4.71 1.04
CA GLY A 123 -2.67 4.22 1.55
C GLY A 123 -2.87 3.36 2.77
N TYR A 124 -3.69 3.85 3.71
CA TYR A 124 -4.09 3.18 4.93
C TYR A 124 -4.93 1.94 4.60
N THR A 125 -6.07 2.05 3.90
CA THR A 125 -6.89 0.84 3.63
C THR A 125 -6.12 -0.25 2.86
N THR A 126 -5.22 0.14 1.94
CA THR A 126 -4.40 -0.79 1.14
C THR A 126 -3.43 -1.58 2.09
N GLN A 127 -2.71 -0.87 3.00
CA GLN A 127 -1.80 -1.53 3.91
C GLN A 127 -2.55 -2.24 5.05
N SER A 128 -3.81 -1.86 5.29
CA SER A 128 -4.62 -2.55 6.30
C SER A 128 -4.94 -3.97 5.84
N LEU A 129 -5.20 -4.15 4.52
CA LEU A 129 -5.47 -5.46 3.91
C LEU A 129 -4.21 -6.32 4.01
N ASN A 130 -3.05 -5.69 3.77
CA ASN A 130 -1.73 -6.29 3.82
C ASN A 130 -1.48 -6.96 5.17
N GLN A 131 -1.67 -6.19 6.26
CA GLN A 131 -1.47 -6.64 7.65
C GLN A 131 -2.42 -7.78 7.99
N ALA A 132 -3.72 -7.65 7.68
CA ALA A 132 -4.69 -8.72 7.94
C ALA A 132 -4.41 -9.97 7.14
N SER A 133 -4.01 -9.83 5.84
CA SER A 133 -3.72 -11.03 5.03
C SER A 133 -2.59 -11.84 5.68
N ASN A 134 -1.52 -11.13 6.03
CA ASN A 134 -0.35 -11.70 6.69
C ASN A 134 -0.76 -12.28 8.07
N ASP A 135 -1.61 -11.55 8.86
CA ASP A 135 -2.05 -12.09 10.15
C ASP A 135 -2.81 -13.38 10.00
N ILE A 136 -3.66 -13.53 8.92
CA ILE A 136 -4.35 -14.79 8.64
C ILE A 136 -3.30 -15.84 8.36
N TYR A 137 -2.37 -15.54 7.41
CA TYR A 137 -1.30 -16.46 6.95
C TYR A 137 -0.61 -17.12 8.17
N ILE A 138 -0.05 -16.27 9.07
CA ILE A 138 0.60 -16.69 10.30
C ILE A 138 -0.30 -17.65 11.08
N LEU A 139 -1.57 -17.25 11.33
CA LEU A 139 -2.51 -18.09 12.10
C LEU A 139 -2.72 -19.42 11.41
N VAL A 140 -3.03 -19.44 10.07
CA VAL A 140 -3.18 -20.69 9.29
C VAL A 140 -1.97 -21.59 9.54
N ARG A 141 -0.74 -21.01 9.46
CA ARG A 141 0.52 -21.72 9.65
C ARG A 141 0.64 -22.27 11.09
N ASN A 142 0.69 -21.39 12.14
CA ASN A 142 0.81 -21.86 13.54
C ASN A 142 -0.21 -22.94 13.92
N VAL A 143 -1.40 -22.95 13.30
CA VAL A 143 -2.40 -23.99 13.57
C VAL A 143 -2.02 -25.27 12.81
N SER A 144 -1.78 -25.20 11.49
CA SER A 144 -1.49 -26.38 10.67
C SER A 144 -0.13 -27.02 10.96
N GLN A 145 0.77 -26.30 11.66
CA GLN A 145 2.11 -26.83 11.90
C GLN A 145 2.50 -26.91 13.38
N ASN A 146 2.20 -25.89 14.19
CA ASN A 146 2.69 -25.90 15.56
C ASN A 146 1.71 -26.40 16.64
N ILE A 147 0.76 -27.30 16.30
CA ILE A 147 -0.14 -27.77 17.37
C ILE A 147 0.07 -29.30 17.61
N LEU A 148 -0.33 -30.18 16.67
CA LEU A 148 -0.18 -31.63 16.82
C LEU A 148 1.30 -32.07 16.84
N SER A 149 2.09 -31.64 15.83
CA SER A 149 3.51 -32.01 15.70
C SER A 149 4.35 -31.80 17.00
N PRO A 150 4.43 -30.61 17.63
CA PRO A 150 5.25 -30.52 18.87
C PRO A 150 4.71 -31.38 20.01
N VAL A 151 3.38 -31.48 20.14
CA VAL A 151 2.75 -32.31 21.17
C VAL A 151 3.22 -33.76 20.98
N ILE A 152 3.07 -34.34 19.75
CA ILE A 152 3.52 -35.71 19.44
C ILE A 152 4.99 -35.90 19.86
N GLN A 153 5.89 -35.04 19.39
CA GLN A 153 7.33 -35.12 19.70
C GLN A 153 7.63 -34.90 21.18
N LEU A 154 6.83 -34.10 21.90
CA LEU A 154 7.10 -33.91 23.32
C LEU A 154 6.56 -35.05 24.16
N ILE A 155 5.39 -35.63 23.75
CA ILE A 155 4.75 -36.74 24.48
C ILE A 155 5.67 -37.96 24.40
N SER A 156 5.95 -38.44 23.16
CA SER A 156 6.80 -39.60 22.89
C SER A 156 8.14 -39.49 23.61
N THR A 157 8.75 -38.29 23.67
CA THR A 157 10.01 -38.08 24.38
C THR A 157 9.85 -38.44 25.83
N ILE A 158 8.96 -37.76 26.60
CA ILE A 158 8.77 -38.05 28.04
C ILE A 158 8.34 -39.53 28.23
N VAL A 159 7.42 -40.07 27.40
CA VAL A 159 7.01 -41.47 27.48
C VAL A 159 8.25 -42.41 27.39
N VAL A 160 9.06 -42.30 26.31
CA VAL A 160 10.23 -43.15 26.07
C VAL A 160 11.30 -42.96 27.16
N VAL A 161 11.67 -41.71 27.51
CA VAL A 161 12.69 -41.48 28.55
C VAL A 161 12.17 -41.99 29.91
N LEU A 162 10.83 -41.93 30.14
CA LEU A 162 10.21 -42.49 31.36
C LEU A 162 10.31 -44.03 31.33
N SER A 163 10.08 -44.65 30.13
CA SER A 163 10.16 -46.10 29.93
C SER A 163 11.55 -46.67 30.31
N THR A 164 12.65 -46.02 29.87
CA THR A 164 14.03 -46.44 30.20
C THR A 164 14.37 -46.14 31.67
N LYS A 165 13.34 -45.81 32.48
CA LYS A 165 13.37 -45.53 33.92
C LYS A 165 14.41 -44.44 34.31
N ASP A 166 14.73 -43.50 33.38
CA ASP A 166 15.59 -42.37 33.69
C ASP A 166 14.67 -41.29 34.23
N TRP A 167 14.67 -41.09 35.55
CA TRP A 167 13.75 -40.13 36.17
C TRP A 167 14.31 -38.73 36.08
N PHE A 168 15.60 -38.52 36.37
CA PHE A 168 16.20 -37.19 36.32
C PHE A 168 16.11 -36.56 34.91
N SER A 169 16.36 -37.33 33.84
CA SER A 169 16.27 -36.82 32.47
C SER A 169 14.82 -36.44 32.16
N ALA A 170 13.88 -37.42 32.16
CA ALA A 170 12.46 -37.20 31.89
C ALA A 170 11.85 -36.17 32.84
N GLY A 171 12.43 -36.07 34.04
CA GLY A 171 12.02 -35.11 35.05
C GLY A 171 12.34 -33.70 34.62
N VAL A 172 13.65 -33.40 34.41
CA VAL A 172 14.15 -32.08 33.99
C VAL A 172 13.58 -31.73 32.58
N PHE A 173 13.37 -32.74 31.70
CA PHE A 173 12.75 -32.52 30.40
C PHE A 173 11.35 -31.95 30.60
N PHE A 174 10.49 -32.66 31.39
CA PHE A 174 9.12 -32.20 31.70
C PHE A 174 9.14 -30.89 32.47
N LEU A 175 10.17 -30.66 33.31
CA LEU A 175 10.32 -29.41 34.03
C LEU A 175 10.48 -28.27 33.05
N TYR A 176 11.35 -28.45 32.02
CA TYR A 176 11.59 -27.43 31.01
C TYR A 176 10.31 -27.03 30.29
N ILE A 177 9.55 -27.99 29.72
CA ILE A 177 8.30 -27.64 29.00
C ILE A 177 7.34 -26.91 29.94
N LEU A 178 7.30 -27.28 31.23
CA LEU A 178 6.47 -26.61 32.22
C LEU A 178 6.94 -25.17 32.46
N VAL A 179 8.24 -24.95 32.80
CA VAL A 179 8.76 -23.60 33.05
C VAL A 179 8.63 -22.74 31.79
N PHE A 180 8.89 -23.32 30.59
CA PHE A 180 8.80 -22.66 29.30
C PHE A 180 7.38 -22.12 29.03
N VAL A 181 6.37 -23.02 28.95
CA VAL A 181 4.96 -22.65 28.68
C VAL A 181 4.48 -21.60 29.70
N ILE A 182 4.91 -21.67 30.97
CA ILE A 182 4.52 -20.67 31.98
C ILE A 182 5.19 -19.31 31.62
N PHE A 183 6.54 -19.23 31.66
CA PHE A 183 7.33 -18.01 31.38
C PHE A 183 6.88 -17.25 30.15
N ASN A 184 6.68 -17.97 29.03
CA ASN A 184 6.31 -17.40 27.75
C ASN A 184 4.91 -16.84 27.76
N THR A 185 3.89 -17.60 28.25
CA THR A 185 2.50 -17.09 28.32
C THR A 185 2.44 -15.84 29.20
N ARG A 186 3.36 -15.75 30.18
CA ARG A 186 3.44 -14.56 31.03
C ARG A 186 3.89 -13.33 30.21
N LEU A 187 4.63 -13.52 29.11
CA LEU A 187 5.12 -12.40 28.34
C LEU A 187 4.45 -12.24 26.94
N THR A 188 3.62 -13.21 26.50
CA THR A 188 2.98 -13.19 25.19
C THR A 188 2.12 -11.92 24.94
N GLY A 189 1.22 -11.60 25.85
CA GLY A 189 0.35 -10.42 25.75
C GLY A 189 1.13 -9.12 25.67
N SER A 190 2.20 -9.03 26.49
CA SER A 190 3.12 -7.88 26.54
C SER A 190 3.81 -7.70 25.17
N LEU A 191 4.04 -8.80 24.43
CA LEU A 191 4.64 -8.76 23.10
C LEU A 191 3.59 -8.36 22.06
N ALA A 192 2.37 -8.92 22.15
CA ALA A 192 1.26 -8.67 21.22
C ALA A 192 0.85 -7.16 21.20
N SER A 193 0.76 -6.56 22.40
CA SER A 193 0.41 -5.15 22.60
C SER A 193 1.50 -4.25 21.96
N LEU A 194 2.78 -4.57 22.17
CA LEU A 194 3.90 -3.83 21.62
C LEU A 194 3.99 -3.93 20.08
N ARG A 195 3.51 -5.06 19.54
CA ARG A 195 3.49 -5.38 18.12
C ARG A 195 2.33 -4.69 17.44
N LYS A 196 1.13 -4.67 18.10
CA LYS A 196 -0.08 -4.03 17.56
C LYS A 196 0.15 -2.54 17.43
N HIS A 197 0.60 -1.92 18.53
CA HIS A 197 0.94 -0.51 18.61
C HIS A 197 1.92 -0.12 17.51
N SER A 198 2.88 -1.01 17.20
CA SER A 198 3.86 -0.77 16.12
C SER A 198 3.15 -0.80 14.75
N MET A 199 2.38 -1.87 14.47
CA MET A 199 1.67 -2.07 13.22
C MET A 199 0.70 -0.97 12.89
N ASP A 200 0.15 -0.31 13.94
CA ASP A 200 -0.78 0.82 13.86
C ASP A 200 -0.01 2.06 13.42
N ILE A 201 1.16 2.30 14.04
CA ILE A 201 2.03 3.41 13.66
C ILE A 201 2.46 3.18 12.20
N THR A 202 2.67 1.93 11.80
CA THR A 202 3.03 1.59 10.43
C THR A 202 1.91 2.01 9.47
N LEU A 203 0.62 1.85 9.88
CA LEU A 203 -0.50 2.29 9.04
C LEU A 203 -0.43 3.80 8.92
N ASN A 204 -0.30 4.50 10.07
CA ASN A 204 -0.13 5.95 10.12
C ASN A 204 0.94 6.42 9.12
N SER A 205 2.07 5.71 9.04
CA SER A 205 3.18 6.04 8.15
C SER A 205 2.84 5.83 6.68
N TYR A 206 2.10 4.75 6.32
CA TYR A 206 1.71 4.51 4.93
C TYR A 206 0.66 5.55 4.49
N SER A 207 -0.18 5.96 5.45
CA SER A 207 -1.22 6.96 5.31
C SER A 207 -0.59 8.30 4.95
N LEU A 208 0.47 8.70 5.68
CA LEU A 208 1.21 9.94 5.42
C LEU A 208 2.00 9.88 4.11
N LEU A 209 2.46 8.70 3.68
CA LEU A 209 3.16 8.62 2.39
C LEU A 209 2.17 8.83 1.26
N SER A 210 1.00 8.15 1.29
CA SER A 210 0.00 8.30 0.22
C SER A 210 -0.59 9.73 0.21
N ASP A 211 -0.72 10.35 1.41
CA ASP A 211 -1.20 11.72 1.54
C ASP A 211 -0.24 12.67 0.86
N THR A 212 1.09 12.51 1.11
CA THR A 212 2.13 13.33 0.48
C THR A 212 2.19 13.06 -1.01
N VAL A 213 2.20 11.80 -1.45
CA VAL A 213 2.26 11.46 -2.89
C VAL A 213 1.02 11.98 -3.66
N ASP A 214 -0.18 11.92 -3.05
CA ASP A 214 -1.39 12.40 -3.71
C ASP A 214 -1.36 13.93 -3.88
N ASN A 215 -0.67 14.66 -2.99
CA ASN A 215 -0.54 16.11 -3.04
C ASN A 215 0.91 16.54 -3.33
N MET A 216 1.63 15.78 -4.19
CA MET A 216 3.03 16.04 -4.49
C MET A 216 3.22 17.37 -5.24
N ILE A 217 2.42 17.56 -6.31
CA ILE A 217 2.39 18.75 -7.18
C ILE A 217 2.29 20.01 -6.32
N ALA A 218 1.39 20.03 -5.32
CA ALA A 218 1.26 21.16 -4.39
C ALA A 218 2.56 21.41 -3.65
N ALA A 219 3.19 20.35 -3.08
CA ALA A 219 4.43 20.43 -2.31
C ALA A 219 5.63 20.79 -3.19
N LYS A 220 5.62 20.30 -4.45
CA LYS A 220 6.66 20.58 -5.43
C LYS A 220 6.66 22.08 -5.78
N LYS A 221 5.47 22.61 -6.16
CA LYS A 221 5.26 24.00 -6.57
C LYS A 221 5.45 25.00 -5.43
N ASN A 222 5.35 24.57 -4.18
CA ASN A 222 5.54 25.46 -3.04
C ASN A 222 6.96 25.28 -2.48
N ASN A 223 7.81 24.49 -3.23
CA ASN A 223 9.19 24.14 -2.86
C ASN A 223 9.26 23.69 -1.37
N ALA A 224 8.33 22.80 -0.98
CA ALA A 224 8.10 22.37 0.40
C ALA A 224 8.76 21.03 0.77
N LEU A 225 9.80 20.60 -0.01
CA LEU A 225 10.50 19.33 0.28
C LEU A 225 10.84 19.20 1.76
N ARG A 226 11.45 20.22 2.39
CA ARG A 226 11.81 20.19 3.80
C ARG A 226 10.58 19.91 4.69
N LEU A 227 9.48 20.65 4.55
CA LEU A 227 8.28 20.45 5.38
C LEU A 227 7.66 19.03 5.22
N ILE A 228 7.59 18.55 3.97
CA ILE A 228 7.06 17.26 3.56
C ILE A 228 7.96 16.11 4.11
N SER A 229 9.29 16.21 3.87
CA SER A 229 10.32 15.28 4.29
C SER A 229 10.33 15.17 5.81
N GLU A 230 10.38 16.31 6.52
CA GLU A 230 10.38 16.36 7.98
C GLU A 230 9.22 15.56 8.57
N ARG A 231 7.99 15.81 8.10
CA ARG A 231 6.76 15.14 8.55
C ARG A 231 6.87 13.60 8.43
N TYR A 232 7.37 13.10 7.28
CA TYR A 232 7.52 11.67 7.02
C TYR A 232 8.61 11.11 7.92
N GLU A 233 9.80 11.77 7.96
CA GLU A 233 10.93 11.41 8.81
C GLU A 233 10.45 11.31 10.28
N ASP A 234 9.53 12.18 10.73
CA ASP A 234 8.99 12.07 12.10
C ASP A 234 8.19 10.78 12.24
N ALA A 235 7.34 10.45 11.24
CA ALA A 235 6.49 9.24 11.23
C ALA A 235 7.34 7.99 11.25
N LEU A 236 8.43 7.98 10.46
CA LEU A 236 9.39 6.88 10.39
C LEU A 236 10.09 6.72 11.76
N THR A 237 10.42 7.84 12.44
CA THR A 237 11.03 7.82 13.77
C THR A 237 10.02 7.26 14.77
N GLN A 238 8.73 7.57 14.62
CA GLN A 238 7.74 6.97 15.52
C GLN A 238 7.62 5.46 15.25
N GLU A 239 7.91 5.03 13.99
CA GLU A 239 7.85 3.64 13.55
C GLU A 239 9.02 2.86 14.12
N ASN A 240 10.26 3.38 13.94
CA ASN A 240 11.49 2.75 14.46
C ASN A 240 11.39 2.57 15.96
N ASN A 241 11.04 3.61 16.71
CA ASN A 241 10.93 3.50 18.17
C ASN A 241 9.91 2.42 18.59
N ALA A 242 8.78 2.31 17.88
CA ALA A 242 7.76 1.28 18.19
C ALA A 242 8.25 -0.12 17.87
N GLN A 243 9.11 -0.22 16.83
CA GLN A 243 9.69 -1.48 16.35
C GLN A 243 10.81 -1.94 17.29
N LYS A 244 11.71 -1.00 17.70
CA LYS A 244 12.82 -1.25 18.63
C LYS A 244 12.29 -1.76 19.98
N LYS A 245 11.15 -1.22 20.45
CA LYS A 245 10.54 -1.63 21.71
C LYS A 245 10.11 -3.09 21.65
N TYR A 246 9.61 -3.56 20.48
CA TYR A 246 9.23 -4.96 20.28
C TYR A 246 10.46 -5.80 20.19
N TRP A 247 11.45 -5.35 19.39
CA TRP A 247 12.72 -6.01 19.15
C TRP A 247 13.40 -6.38 20.46
N LEU A 248 13.57 -5.42 21.40
CA LEU A 248 14.19 -5.66 22.71
C LEU A 248 13.48 -6.73 23.49
N LEU A 249 12.16 -6.60 23.68
CA LEU A 249 11.42 -7.62 24.41
C LEU A 249 11.56 -8.98 23.73
N SER A 250 11.40 -9.03 22.39
CA SER A 250 11.54 -10.24 21.58
C SER A 250 12.91 -10.87 21.79
N SER A 251 13.99 -10.05 21.71
CA SER A 251 15.38 -10.46 21.88
C SER A 251 15.65 -10.98 23.29
N LYS A 252 15.07 -10.33 24.33
CA LYS A 252 15.25 -10.77 25.71
C LYS A 252 14.59 -12.14 25.91
N VAL A 253 13.30 -12.30 25.54
CA VAL A 253 12.56 -13.58 25.64
C VAL A 253 13.41 -14.72 25.03
N LEU A 254 13.90 -14.54 23.78
CA LEU A 254 14.73 -15.51 23.08
C LEU A 254 16.03 -15.84 23.84
N LEU A 255 16.75 -14.80 24.33
CA LEU A 255 18.00 -15.07 25.07
C LEU A 255 17.69 -15.75 26.42
N LEU A 256 16.65 -15.32 27.17
CA LEU A 256 16.27 -15.97 28.43
C LEU A 256 15.80 -17.40 28.20
N ASN A 257 15.07 -17.68 27.10
CA ASN A 257 14.62 -19.05 26.80
C ASN A 257 15.80 -19.94 26.45
N SER A 258 16.83 -19.35 25.81
CA SER A 258 18.05 -20.04 25.40
C SER A 258 18.89 -20.40 26.63
N LEU A 259 19.08 -19.41 27.56
CA LEU A 259 19.82 -19.58 28.82
C LEU A 259 19.14 -20.59 29.73
N LEU A 260 17.80 -20.65 29.73
CA LEU A 260 17.07 -21.63 30.54
C LEU A 260 17.36 -23.02 30.01
N ALA A 261 17.30 -23.20 28.67
CA ALA A 261 17.55 -24.47 28.00
C ALA A 261 18.96 -24.97 28.29
N VAL A 262 19.97 -24.07 28.20
CA VAL A 262 21.38 -24.40 28.48
C VAL A 262 21.53 -24.88 29.94
N ILE A 263 20.89 -24.20 30.91
CA ILE A 263 20.96 -24.57 32.32
C ILE A 263 20.23 -25.91 32.56
N LEU A 264 18.97 -26.06 32.10
CA LEU A 264 18.25 -27.31 32.36
C LEU A 264 18.78 -28.50 31.54
N PHE A 265 18.85 -28.39 30.19
CA PHE A 265 19.32 -29.51 29.37
C PHE A 265 20.82 -29.78 29.55
N GLY A 266 21.58 -28.77 29.97
CA GLY A 266 23.01 -28.89 30.23
C GLY A 266 23.24 -29.79 31.43
N SER A 267 22.37 -29.67 32.46
CA SER A 267 22.42 -30.51 33.64
C SER A 267 22.14 -31.98 33.24
N VAL A 268 21.05 -32.24 32.48
CA VAL A 268 20.71 -33.59 31.98
C VAL A 268 21.91 -34.19 31.20
N PHE A 269 22.68 -33.36 30.47
CA PHE A 269 23.87 -33.80 29.72
C PHE A 269 25.01 -34.14 30.69
N ILE A 270 25.29 -33.28 31.71
CA ILE A 270 26.35 -33.52 32.70
C ILE A 270 25.99 -34.74 33.56
N TYR A 271 24.73 -34.87 34.00
CA TYR A 271 24.24 -36.00 34.80
C TYR A 271 24.51 -37.32 34.09
N ASN A 272 24.12 -37.44 32.81
CA ASN A 272 24.35 -38.66 32.04
C ASN A 272 25.84 -38.87 31.70
N ILE A 273 26.66 -37.78 31.69
CA ILE A 273 28.10 -37.93 31.48
C ILE A 273 28.65 -38.69 32.69
N LEU A 274 28.36 -38.18 33.90
CA LEU A 274 28.80 -38.76 35.17
C LEU A 274 28.28 -40.21 35.31
N GLY A 275 27.05 -40.44 34.86
CA GLY A 275 26.44 -41.77 34.81
C GLY A 275 27.20 -42.72 33.93
N VAL A 276 27.77 -42.21 32.82
CA VAL A 276 28.57 -43.02 31.89
C VAL A 276 29.97 -43.25 32.50
N LEU A 277 30.56 -42.22 33.15
CA LEU A 277 31.88 -42.32 33.77
C LEU A 277 31.90 -43.26 34.99
N ASN A 278 30.76 -43.40 35.69
CA ASN A 278 30.65 -44.24 36.88
C ASN A 278 29.93 -45.56 36.58
N GLY A 279 29.91 -45.96 35.31
CA GLY A 279 29.28 -47.20 34.87
C GLY A 279 27.80 -47.38 35.16
N VAL A 280 27.16 -46.34 35.73
CA VAL A 280 25.74 -46.33 36.10
C VAL A 280 24.84 -46.33 34.85
N VAL A 281 25.22 -45.55 33.80
CA VAL A 281 24.50 -45.35 32.53
C VAL A 281 25.31 -45.93 31.36
N SER A 282 24.63 -46.62 30.41
CA SER A 282 25.29 -47.16 29.20
C SER A 282 25.57 -46.02 28.19
N ILE A 283 26.47 -46.26 27.22
CA ILE A 283 26.79 -45.24 26.21
C ILE A 283 25.58 -45.10 25.28
N GLY A 284 24.95 -46.23 24.96
CA GLY A 284 23.75 -46.32 24.13
C GLY A 284 22.62 -45.45 24.63
N HIS A 285 22.47 -45.36 25.97
CA HIS A 285 21.47 -44.52 26.64
C HIS A 285 21.94 -43.08 26.65
N PHE A 286 23.24 -42.85 26.89
CA PHE A 286 23.81 -41.51 26.89
C PHE A 286 23.62 -40.81 25.55
N ILE A 287 23.77 -41.56 24.41
CA ILE A 287 23.58 -41.03 23.05
C ILE A 287 22.10 -40.68 22.91
N MET A 288 21.20 -41.68 23.14
CA MET A 288 19.73 -41.53 23.10
C MET A 288 19.23 -40.29 23.89
N ILE A 289 19.87 -39.98 25.03
CA ILE A 289 19.54 -38.79 25.82
C ILE A 289 20.00 -37.51 25.10
N THR A 290 21.29 -37.45 24.63
CA THR A 290 21.74 -36.22 23.91
C THR A 290 20.95 -36.11 22.60
N SER A 291 20.72 -37.26 21.91
CA SER A 291 19.90 -37.34 20.70
C SER A 291 18.48 -36.78 20.97
N TYR A 292 17.92 -36.98 22.19
CA TYR A 292 16.62 -36.40 22.55
C TYR A 292 16.77 -34.91 22.85
N ILE A 293 17.86 -34.50 23.53
CA ILE A 293 18.09 -33.07 23.80
C ILE A 293 18.15 -32.27 22.46
N ILE A 294 18.98 -32.72 21.51
CA ILE A 294 19.09 -32.07 20.19
C ILE A 294 17.72 -32.07 19.48
N LEU A 295 17.05 -33.25 19.34
CA LEU A 295 15.74 -33.35 18.66
C LEU A 295 14.66 -32.40 19.27
N LEU A 296 14.64 -32.22 20.60
CA LEU A 296 13.62 -31.41 21.29
C LEU A 296 13.59 -29.92 20.93
N SER A 297 14.71 -29.33 20.40
CA SER A 297 14.75 -27.89 20.09
C SER A 297 13.62 -27.47 19.11
N THR A 298 13.47 -28.15 17.94
CA THR A 298 12.42 -27.78 16.98
C THR A 298 11.00 -27.85 17.63
N PRO A 299 10.51 -28.92 18.33
CA PRO A 299 9.17 -28.81 18.95
C PRO A 299 9.09 -27.68 20.01
N VAL A 300 10.20 -27.43 20.78
CA VAL A 300 10.24 -26.31 21.76
C VAL A 300 10.06 -24.99 20.99
N GLU A 301 10.76 -24.85 19.83
CA GLU A 301 10.70 -23.68 18.97
C GLU A 301 9.28 -23.49 18.42
N ASN A 302 8.66 -24.56 17.89
CA ASN A 302 7.30 -24.49 17.37
C ASN A 302 6.28 -24.12 18.46
N ILE A 303 6.52 -24.52 19.74
CA ILE A 303 5.63 -24.13 20.83
C ILE A 303 5.90 -22.64 21.15
N GLY A 304 7.17 -22.23 21.09
CA GLY A 304 7.58 -20.84 21.28
C GLY A 304 6.90 -19.92 20.27
N ALA A 305 6.74 -20.40 19.01
CA ALA A 305 6.04 -19.68 17.97
C ALA A 305 4.57 -19.70 18.27
N LEU A 306 3.95 -20.91 18.39
CA LEU A 306 2.52 -21.09 18.72
C LEU A 306 2.06 -20.21 19.84
N LEU A 307 2.80 -20.24 20.96
CA LEU A 307 2.42 -19.42 22.09
C LEU A 307 2.44 -17.95 21.69
N SER A 308 3.59 -17.46 21.19
CA SER A 308 3.75 -16.04 20.84
C SER A 308 3.05 -15.60 19.55
N GLU A 309 3.09 -16.40 18.49
CA GLU A 309 2.50 -15.99 17.22
C GLU A 309 0.97 -16.06 17.23
N ILE A 310 0.34 -17.16 17.74
CA ILE A 310 -1.13 -17.24 17.78
C ILE A 310 -1.75 -16.02 18.52
N ARG A 311 -1.11 -15.54 19.62
CA ARG A 311 -1.64 -14.43 20.41
C ARG A 311 -1.46 -13.09 19.71
N GLN A 312 -0.27 -12.84 19.13
CA GLN A 312 -0.04 -11.55 18.50
C GLN A 312 -0.77 -11.40 17.14
N SER A 313 -0.99 -12.48 16.39
CA SER A 313 -1.75 -12.35 15.15
C SER A 313 -3.25 -12.42 15.43
N MET A 314 -3.67 -12.68 16.67
CA MET A 314 -5.07 -12.67 17.01
C MET A 314 -5.45 -11.28 17.50
N SER A 315 -4.50 -10.59 18.16
CA SER A 315 -4.67 -9.23 18.69
C SER A 315 -4.84 -8.26 17.52
N SER A 316 -3.84 -8.22 16.61
CA SER A 316 -3.86 -7.35 15.45
C SER A 316 -4.98 -7.72 14.46
N LEU A 317 -5.44 -8.99 14.44
CA LEU A 317 -6.55 -9.32 13.55
C LEU A 317 -7.86 -8.95 14.20
N ALA A 318 -7.90 -8.87 15.56
CA ALA A 318 -9.10 -8.45 16.31
C ALA A 318 -9.41 -7.01 15.95
N GLY A 319 -8.38 -6.15 16.02
CA GLY A 319 -8.44 -4.74 15.67
C GLY A 319 -8.98 -4.50 14.27
N PHE A 320 -8.47 -5.26 13.27
CA PHE A 320 -8.90 -5.17 11.88
C PHE A 320 -10.38 -5.50 11.71
N ILE A 321 -10.94 -6.45 12.49
CA ILE A 321 -12.35 -6.80 12.37
C ILE A 321 -13.21 -5.69 13.05
N GLN A 322 -12.71 -5.10 14.16
CA GLN A 322 -13.39 -4.04 14.91
C GLN A 322 -13.64 -2.81 14.01
N ARG A 323 -12.56 -2.22 13.46
CA ARG A 323 -12.63 -1.05 12.59
C ARG A 323 -13.26 -1.34 11.20
N HIS A 324 -13.57 -2.60 10.86
CA HIS A 324 -14.15 -2.91 9.54
C HIS A 324 -15.49 -3.70 9.60
N ALA A 325 -16.21 -3.63 10.73
CA ALA A 325 -17.52 -4.29 10.84
C ALA A 325 -18.43 -3.63 11.90
N GLU A 326 -17.98 -2.50 12.46
CA GLU A 326 -18.73 -1.76 13.48
C GLU A 326 -19.19 -0.37 12.99
N ASN A 327 -19.72 0.45 13.94
CA ASN A 327 -20.22 1.83 13.82
C ASN A 327 -21.46 1.92 12.89
N LYS A 328 -22.48 1.11 13.20
CA LYS A 328 -23.80 1.03 12.55
C LYS A 328 -24.85 1.54 13.57
N ALA A 329 -25.63 2.59 13.19
CA ALA A 329 -26.64 3.21 14.04
C ALA A 329 -27.86 2.28 14.25
N THR A 330 -28.78 2.19 13.25
CA THR A 330 -29.99 1.34 13.33
C THR A 330 -30.44 0.90 11.93
N SER A 331 -31.06 1.82 11.15
CA SER A 331 -31.63 1.65 9.80
C SER A 331 -32.77 0.58 9.78
N PRO A 332 -34.05 0.99 10.04
CA PRO A 332 -35.15 0.00 10.03
C PRO A 332 -35.44 -0.58 8.65
N SER A 333 -35.23 0.24 7.58
CA SER A 333 -35.40 -0.08 6.16
C SER A 333 -36.87 -0.42 5.82
N ILE A 334 -37.09 -0.97 4.61
CA ILE A 334 -38.38 -1.35 4.06
C ILE A 334 -38.17 -2.66 3.24
N PRO A 335 -39.06 -3.69 3.36
CA PRO A 335 -38.80 -4.96 2.63
C PRO A 335 -38.83 -4.83 1.10
N PHE A 336 -40.02 -4.65 0.49
CA PHE A 336 -40.18 -4.52 -0.97
C PHE A 336 -40.87 -3.19 -1.29
N LEU A 337 -40.08 -2.14 -1.48
CA LEU A 337 -40.58 -0.81 -1.82
C LEU A 337 -40.37 -0.52 -3.30
N ASN A 338 -41.45 -0.09 -3.97
CA ASN A 338 -41.46 0.29 -5.37
C ASN A 338 -41.92 1.74 -5.43
N MET A 339 -40.92 2.66 -5.38
CA MET A 339 -41.09 4.11 -5.34
C MET A 339 -41.88 4.65 -6.53
N GLU A 340 -42.72 5.67 -6.25
CA GLU A 340 -43.56 6.37 -7.22
C GLU A 340 -42.71 7.21 -8.16
N ARG A 341 -43.08 7.25 -9.46
CA ARG A 341 -42.41 8.02 -10.52
C ARG A 341 -42.32 9.50 -10.17
N LYS A 342 -43.31 10.00 -9.40
CA LYS A 342 -43.42 11.39 -8.97
C LYS A 342 -43.21 11.47 -7.46
N LEU A 343 -42.17 12.18 -7.02
CA LEU A 343 -41.86 12.31 -5.59
C LEU A 343 -41.69 13.75 -5.17
N ASN A 344 -42.26 14.09 -4.02
CA ASN A 344 -42.21 15.42 -3.40
C ASN A 344 -41.35 15.35 -2.16
N LEU A 345 -40.59 16.41 -1.89
CA LEU A 345 -39.69 16.46 -0.75
C LEU A 345 -40.23 17.37 0.36
N SER A 346 -40.25 16.88 1.60
CA SER A 346 -40.74 17.66 2.74
C SER A 346 -39.77 17.59 3.95
N ILE A 347 -38.96 18.65 4.11
CA ILE A 347 -37.96 18.77 5.17
C ILE A 347 -38.61 19.55 6.34
N ARG A 348 -38.74 18.91 7.51
CA ARG A 348 -39.41 19.52 8.67
C ARG A 348 -38.48 19.65 9.90
N GLU A 349 -38.11 20.91 10.22
CA GLU A 349 -37.27 21.33 11.36
C GLU A 349 -35.91 20.56 11.43
N LEU A 350 -35.30 20.32 10.24
CA LEU A 350 -34.03 19.61 10.10
C LEU A 350 -32.88 20.36 10.77
N SER A 351 -32.19 19.66 11.66
CA SER A 351 -31.06 20.17 12.39
C SER A 351 -29.96 19.14 12.31
N PHE A 352 -28.69 19.60 12.19
CA PHE A 352 -27.56 18.69 12.04
C PHE A 352 -26.24 19.32 12.46
N SER A 353 -25.38 18.46 13.01
CA SER A 353 -24.02 18.75 13.40
C SER A 353 -23.14 17.63 12.87
N TYR A 354 -21.91 17.96 12.47
CA TYR A 354 -20.95 16.98 11.96
C TYR A 354 -20.20 16.33 13.13
N SER A 355 -19.62 17.18 14.02
CA SER A 355 -18.83 16.76 15.17
C SER A 355 -19.45 17.24 16.50
N ASP A 356 -20.76 17.60 16.50
CA ASP A 356 -21.57 18.09 17.65
C ASP A 356 -21.03 19.41 18.27
N ASP A 357 -19.73 19.71 18.05
CA ASP A 357 -19.01 20.90 18.52
C ASP A 357 -19.66 22.21 18.03
N LYS A 358 -20.23 22.20 16.80
CA LYS A 358 -20.87 23.33 16.12
C LYS A 358 -22.08 22.85 15.29
N LYS A 359 -23.19 23.65 15.26
CA LYS A 359 -24.40 23.35 14.50
C LYS A 359 -24.25 23.88 13.07
N ILE A 360 -24.49 23.00 12.08
CA ILE A 360 -24.34 23.36 10.67
C ILE A 360 -25.73 23.72 10.12
N LEU A 361 -26.78 22.92 10.39
CA LEU A 361 -28.15 23.24 9.97
C LEU A 361 -28.96 23.58 11.22
N ASN A 362 -29.47 24.83 11.32
CA ASN A 362 -30.21 25.28 12.49
C ASN A 362 -31.58 24.60 12.60
N SER A 363 -32.55 24.92 11.72
CA SER A 363 -33.88 24.27 11.76
C SER A 363 -34.56 24.40 10.39
N VAL A 364 -33.87 23.87 9.37
CA VAL A 364 -34.32 23.94 7.99
C VAL A 364 -35.70 23.27 7.83
N SER A 365 -36.66 24.09 7.40
CA SER A 365 -38.02 23.69 7.08
C SER A 365 -38.27 24.14 5.64
N LEU A 366 -38.50 23.16 4.77
CA LEU A 366 -38.69 23.33 3.33
C LEU A 366 -39.78 22.40 2.81
N ASP A 367 -40.31 22.69 1.62
CA ASP A 367 -41.32 21.86 0.96
C ASP A 367 -41.17 22.04 -0.53
N LEU A 368 -40.82 20.94 -1.21
CA LEU A 368 -40.53 20.95 -2.64
C LEU A 368 -41.41 19.96 -3.38
N PHE A 369 -41.65 20.19 -4.67
CA PHE A 369 -42.58 19.38 -5.45
C PHE A 369 -42.07 18.95 -6.81
N THR A 370 -42.66 17.86 -7.33
CA THR A 370 -42.45 17.22 -8.63
C THR A 370 -42.36 18.24 -9.77
N GLY A 371 -41.60 17.90 -10.81
CA GLY A 371 -41.44 18.69 -12.02
C GLY A 371 -41.02 20.15 -11.91
N LYS A 372 -40.66 20.61 -10.70
CA LYS A 372 -40.26 22.00 -10.49
C LYS A 372 -38.77 22.10 -10.15
N MET A 373 -38.08 23.12 -10.69
CA MET A 373 -36.65 23.36 -10.44
C MET A 373 -36.48 24.37 -9.30
N TYR A 374 -35.65 24.07 -8.31
CA TYR A 374 -35.42 24.99 -7.19
C TYR A 374 -33.95 25.35 -7.05
N SER A 375 -33.65 26.59 -6.71
CA SER A 375 -32.27 27.02 -6.54
C SER A 375 -31.96 27.23 -5.07
N LEU A 376 -30.79 26.79 -4.65
CA LEU A 376 -30.35 26.98 -3.28
C LEU A 376 -29.02 27.73 -3.32
N THR A 377 -28.94 28.84 -2.61
CA THR A 377 -27.70 29.61 -2.58
C THR A 377 -27.47 30.16 -1.18
N GLY A 378 -26.31 30.77 -1.00
CA GLY A 378 -25.87 31.31 0.27
C GLY A 378 -24.36 31.36 0.31
N PRO A 379 -23.78 31.94 1.39
CA PRO A 379 -22.31 32.03 1.46
C PRO A 379 -21.64 30.67 1.66
N SER A 380 -20.38 30.56 1.25
CA SER A 380 -19.59 29.34 1.41
C SER A 380 -19.39 29.06 2.91
N GLY A 381 -20.09 28.03 3.39
CA GLY A 381 -20.09 27.63 4.79
C GLY A 381 -21.47 27.67 5.43
N SER A 382 -22.50 28.08 4.66
CA SER A 382 -23.90 28.13 5.09
C SER A 382 -24.41 26.70 5.31
N GLY A 383 -24.11 25.80 4.38
CA GLY A 383 -24.52 24.40 4.48
C GLY A 383 -25.43 23.91 3.37
N LYS A 384 -25.08 24.23 2.14
CA LYS A 384 -25.90 23.83 0.99
C LYS A 384 -25.66 22.34 0.72
N SER A 385 -24.34 21.98 0.58
CA SER A 385 -23.83 20.63 0.39
C SER A 385 -24.31 19.73 1.52
N THR A 386 -24.06 20.15 2.80
CA THR A 386 -24.53 19.45 4.00
C THR A 386 -25.99 19.00 3.86
N LEU A 387 -26.90 19.96 3.59
CA LEU A 387 -28.34 19.76 3.44
C LEU A 387 -28.65 18.74 2.33
N VAL A 388 -28.06 18.90 1.12
CA VAL A 388 -28.34 17.95 0.03
C VAL A 388 -27.71 16.58 0.35
N LYS A 389 -26.56 16.55 1.06
CA LYS A 389 -25.91 15.29 1.46
C LYS A 389 -26.86 14.47 2.35
N ILE A 390 -27.52 15.14 3.34
CA ILE A 390 -28.51 14.56 4.27
C ILE A 390 -29.73 14.06 3.47
N ILE A 391 -30.17 14.84 2.48
CA ILE A 391 -31.28 14.46 1.58
C ILE A 391 -30.86 13.19 0.78
N SER A 392 -29.57 13.11 0.41
CA SER A 392 -28.99 12.02 -0.37
C SER A 392 -28.57 10.82 0.52
N GLY A 393 -28.86 10.92 1.82
CA GLY A 393 -28.56 9.89 2.81
C GLY A 393 -27.10 9.68 3.14
N TYR A 394 -26.26 10.73 3.03
CA TYR A 394 -24.83 10.62 3.40
C TYR A 394 -24.70 10.42 4.91
N TYR A 395 -25.56 11.13 5.66
CA TYR A 395 -25.59 11.13 7.12
C TYR A 395 -27.01 10.83 7.63
N LYS A 396 -27.10 10.14 8.79
CA LYS A 396 -28.36 9.69 9.40
C LYS A 396 -28.57 10.27 10.82
N ASN A 397 -27.52 10.85 11.43
CA ASN A 397 -27.58 11.43 12.77
C ASN A 397 -28.13 12.88 12.70
N TYR A 398 -29.40 13.02 12.30
CA TYR A 398 -30.03 14.32 12.20
C TYR A 398 -31.29 14.44 13.06
N PHE A 399 -31.54 15.65 13.57
CA PHE A 399 -32.74 15.99 14.32
C PHE A 399 -33.76 16.55 13.32
N GLY A 400 -35.02 16.21 13.52
CA GLY A 400 -36.08 16.60 12.60
C GLY A 400 -36.45 15.46 11.69
N ASP A 401 -37.27 15.72 10.67
CA ASP A 401 -37.72 14.65 9.77
C ASP A 401 -37.66 15.08 8.30
N ILE A 402 -37.49 14.10 7.39
CA ILE A 402 -37.45 14.31 5.93
C ILE A 402 -38.36 13.25 5.29
N TYR A 403 -39.38 13.69 4.54
CA TYR A 403 -40.34 12.78 3.92
C TYR A 403 -40.21 12.77 2.39
N LEU A 404 -40.71 11.71 1.78
CA LEU A 404 -40.72 11.49 0.34
C LEU A 404 -42.08 10.87 -0.01
N ASN A 405 -43.15 11.72 -0.06
CA ASN A 405 -44.54 11.29 -0.31
C ASN A 405 -45.03 10.38 0.83
N ASP A 406 -45.06 10.93 2.09
CA ASP A 406 -45.46 10.27 3.35
C ASP A 406 -44.34 9.42 3.96
N ILE A 407 -43.56 8.68 3.13
CA ILE A 407 -42.46 7.78 3.54
C ILE A 407 -41.28 8.60 4.05
N SER A 408 -40.83 8.36 5.30
CA SER A 408 -39.68 9.05 5.88
C SER A 408 -38.39 8.47 5.31
N LEU A 409 -37.29 9.28 5.28
CA LEU A 409 -35.99 8.83 4.78
C LEU A 409 -35.45 7.67 5.63
N ARG A 410 -35.67 7.76 6.97
CA ARG A 410 -35.27 6.79 7.97
C ARG A 410 -35.79 5.39 7.62
N ASN A 411 -36.98 5.30 7.01
CA ASN A 411 -37.56 4.03 6.61
C ASN A 411 -37.27 3.72 5.12
N ILE A 412 -36.31 4.42 4.48
CA ILE A 412 -35.97 4.12 3.07
C ILE A 412 -34.58 3.45 3.01
N SER A 413 -34.49 2.32 2.28
CA SER A 413 -33.24 1.57 2.09
C SER A 413 -32.29 2.38 1.21
N ASP A 414 -31.00 2.43 1.60
CA ASP A 414 -29.96 3.15 0.87
C ASP A 414 -29.94 2.82 -0.62
N GLU A 415 -30.34 1.61 -1.00
CA GLU A 415 -30.42 1.22 -2.41
C GLU A 415 -31.57 1.99 -3.11
N ASP A 416 -32.78 2.02 -2.50
CA ASP A 416 -33.98 2.69 -3.03
C ASP A 416 -33.81 4.22 -3.12
N LEU A 417 -33.25 4.82 -2.05
CA LEU A 417 -32.92 6.24 -1.93
C LEU A 417 -32.00 6.65 -3.08
N ASN A 418 -30.95 5.85 -3.35
CA ASN A 418 -30.00 6.09 -4.44
C ASN A 418 -30.64 5.89 -5.83
N ASP A 419 -31.77 5.19 -5.90
CA ASP A 419 -32.48 4.98 -7.17
C ASP A 419 -33.48 6.14 -7.40
N ALA A 420 -34.01 6.71 -6.28
CA ALA A 420 -34.97 7.81 -6.26
C ALA A 420 -34.28 9.17 -6.46
N ILE A 421 -33.11 9.36 -5.81
CA ILE A 421 -32.34 10.60 -5.86
C ILE A 421 -31.02 10.39 -6.59
N TYR A 422 -30.57 11.38 -7.36
CA TYR A 422 -29.24 11.32 -7.96
C TYR A 422 -28.53 12.62 -7.66
N TYR A 423 -27.48 12.53 -6.85
CA TYR A 423 -26.70 13.67 -6.40
C TYR A 423 -25.48 13.86 -7.28
N LEU A 424 -25.37 15.04 -7.93
CA LEU A 424 -24.20 15.41 -8.71
C LEU A 424 -23.34 16.27 -7.79
N THR A 425 -22.33 15.63 -7.21
CA THR A 425 -21.36 16.12 -6.20
C THR A 425 -20.57 17.35 -6.64
N GLN A 426 -20.17 18.18 -5.61
CA GLN A 426 -19.35 19.38 -5.78
C GLN A 426 -18.02 19.01 -6.44
N ASP A 427 -17.35 17.92 -5.99
CA ASP A 427 -16.11 17.45 -6.62
C ASP A 427 -16.42 16.24 -7.51
N ASP A 428 -15.64 16.05 -8.57
CA ASP A 428 -15.83 14.94 -9.48
C ASP A 428 -15.09 13.66 -8.99
N TYR A 429 -15.70 12.50 -9.27
CA TYR A 429 -15.17 11.17 -8.94
C TYR A 429 -15.11 10.35 -10.23
N ILE A 430 -13.97 10.47 -10.93
CA ILE A 430 -13.70 9.76 -12.16
C ILE A 430 -12.77 8.57 -11.84
N PHE A 431 -13.20 7.39 -12.29
CA PHE A 431 -12.48 6.15 -12.09
C PHE A 431 -11.37 6.02 -13.07
N MET A 432 -10.21 5.54 -12.62
CA MET A 432 -9.09 5.29 -13.52
C MET A 432 -9.43 4.04 -14.30
N ASP A 433 -10.07 4.23 -15.47
CA ASP A 433 -10.54 3.17 -16.36
C ASP A 433 -10.99 3.80 -17.67
N THR A 434 -11.74 3.02 -18.49
CA THR A 434 -12.29 3.51 -19.75
C THR A 434 -13.47 4.45 -19.48
N LEU A 435 -13.79 5.31 -20.46
CA LEU A 435 -14.93 6.21 -20.35
C LEU A 435 -16.18 5.35 -20.18
N ARG A 436 -16.24 4.22 -20.94
CA ARG A 436 -17.32 3.22 -20.87
C ARG A 436 -17.56 2.77 -19.43
N PHE A 437 -16.46 2.46 -18.70
CA PHE A 437 -16.52 2.01 -17.32
C PHE A 437 -17.11 3.09 -16.41
N ASN A 438 -16.65 4.35 -16.58
CA ASN A 438 -17.12 5.49 -15.81
C ASN A 438 -18.61 5.75 -16.00
N LEU A 439 -19.15 5.41 -17.19
CA LEU A 439 -20.56 5.62 -17.44
C LEU A 439 -21.36 4.40 -17.02
N ARG A 440 -20.78 3.18 -17.16
CA ARG A 440 -21.43 1.92 -16.73
C ARG A 440 -21.64 1.88 -15.21
N LEU A 441 -20.94 2.77 -14.47
CA LEU A 441 -21.06 2.95 -13.04
C LEU A 441 -22.52 3.30 -12.69
N ALA A 442 -23.16 4.15 -13.55
CA ALA A 442 -24.55 4.62 -13.44
C ALA A 442 -25.58 3.52 -13.75
N ASN A 443 -25.30 2.66 -14.76
CA ASN A 443 -26.14 1.52 -15.16
C ASN A 443 -25.29 0.42 -15.83
N TYR A 444 -25.16 -0.73 -15.14
CA TYR A 444 -24.38 -1.90 -15.56
C TYR A 444 -24.85 -2.49 -16.89
N ASP A 445 -26.18 -2.69 -17.02
CA ASP A 445 -26.84 -3.35 -18.16
C ASP A 445 -26.93 -2.48 -19.43
N ALA A 446 -26.43 -1.21 -19.38
CA ALA A 446 -26.48 -0.28 -20.52
C ALA A 446 -25.69 -0.77 -21.74
N SER A 447 -26.32 -0.72 -22.92
CA SER A 447 -25.74 -1.12 -24.22
C SER A 447 -24.83 -0.03 -24.77
N GLU A 448 -23.98 -0.36 -25.76
CA GLU A 448 -23.05 0.58 -26.41
C GLU A 448 -23.73 1.85 -26.94
N ASN A 449 -24.97 1.73 -27.44
CA ASN A 449 -25.74 2.85 -27.99
C ASN A 449 -26.28 3.76 -26.87
N GLU A 450 -26.92 3.17 -25.83
CA GLU A 450 -27.46 3.91 -24.67
C GLU A 450 -26.40 4.83 -24.06
N ILE A 451 -25.14 4.35 -24.05
CA ILE A 451 -23.97 5.02 -23.50
C ILE A 451 -23.52 6.16 -24.44
N PHE A 452 -23.43 5.91 -25.77
CA PHE A 452 -23.02 6.97 -26.71
C PHE A 452 -24.09 8.08 -26.83
N LYS A 453 -25.39 7.70 -26.76
CA LYS A 453 -26.52 8.64 -26.79
C LYS A 453 -26.34 9.68 -25.68
N VAL A 454 -25.96 9.18 -24.48
CA VAL A 454 -25.73 9.92 -23.26
C VAL A 454 -24.53 10.88 -23.41
N LEU A 455 -23.53 10.54 -24.26
CA LEU A 455 -22.33 11.37 -24.50
C LEU A 455 -22.67 12.68 -25.17
N LYS A 456 -23.69 12.64 -26.08
CA LYS A 456 -24.23 13.80 -26.78
C LYS A 456 -24.91 14.75 -25.80
N LEU A 457 -25.78 14.22 -24.93
CA LEU A 457 -26.54 15.01 -23.95
C LEU A 457 -25.61 15.65 -22.92
N ALA A 458 -24.41 15.08 -22.77
CA ALA A 458 -23.40 15.55 -21.83
C ALA A 458 -22.46 16.54 -22.49
N ASN A 459 -22.55 16.66 -23.84
CA ASN A 459 -21.71 17.51 -24.70
C ASN A 459 -20.27 17.05 -24.61
N LEU A 460 -20.10 15.72 -24.73
CA LEU A 460 -18.82 15.01 -24.66
C LEU A 460 -18.61 14.10 -25.86
N SER A 461 -19.56 14.02 -26.81
CA SER A 461 -19.45 13.13 -27.98
C SER A 461 -18.31 13.52 -28.96
N VAL A 462 -17.79 14.77 -28.85
CA VAL A 462 -16.67 15.27 -29.67
C VAL A 462 -15.73 16.14 -28.79
N VAL A 463 -14.40 15.87 -28.84
CA VAL A 463 -13.34 16.61 -28.15
C VAL A 463 -12.25 16.95 -29.19
N ASN A 464 -11.94 18.27 -29.35
CA ASN A 464 -10.94 18.82 -30.27
C ASN A 464 -11.22 18.37 -31.72
N ASN A 465 -12.46 18.62 -32.21
CA ASN A 465 -12.96 18.27 -33.55
C ASN A 465 -12.83 16.74 -33.86
N GLU A 466 -12.59 15.90 -32.82
CA GLU A 466 -12.43 14.45 -32.97
C GLU A 466 -13.53 13.71 -32.20
N PRO A 467 -14.13 12.62 -32.79
CA PRO A 467 -15.19 11.89 -32.05
C PRO A 467 -14.61 11.14 -30.87
N VAL A 468 -15.26 11.28 -29.70
CA VAL A 468 -14.83 10.68 -28.45
C VAL A 468 -15.15 9.17 -28.44
N SER A 469 -14.10 8.34 -28.18
CA SER A 469 -14.19 6.89 -28.08
C SER A 469 -14.57 6.46 -26.66
N LEU A 470 -15.42 5.44 -26.54
CA LEU A 470 -15.85 4.92 -25.25
C LEU A 470 -14.71 4.17 -24.53
N ASP A 471 -13.65 3.85 -25.28
CA ASP A 471 -12.46 3.15 -24.83
C ASP A 471 -11.34 4.12 -24.42
N THR A 472 -11.64 5.43 -24.29
CA THR A 472 -10.66 6.45 -23.88
C THR A 472 -10.16 6.12 -22.48
N HIS A 473 -8.84 5.93 -22.32
CA HIS A 473 -8.28 5.59 -21.02
C HIS A 473 -8.13 6.84 -20.16
N LEU A 474 -8.75 6.81 -18.97
CA LEU A 474 -8.74 7.92 -18.03
C LEU A 474 -7.79 7.67 -16.87
N ILE A 475 -6.70 8.47 -16.80
CA ILE A 475 -5.66 8.53 -15.77
C ILE A 475 -6.28 8.78 -14.32
N ASN A 476 -5.43 8.66 -13.28
CA ASN A 476 -5.76 8.89 -11.86
C ASN A 476 -6.45 10.26 -11.73
N ARG A 477 -7.62 10.29 -11.03
CA ARG A 477 -8.47 11.46 -10.79
C ARG A 477 -8.97 12.12 -12.10
N GLY A 478 -8.93 11.36 -13.20
CA GLY A 478 -9.34 11.80 -14.54
C GLY A 478 -8.61 13.02 -15.07
N ASN A 479 -7.38 13.29 -14.58
CA ASN A 479 -6.52 14.43 -14.93
C ASN A 479 -6.00 14.40 -16.40
N ASN A 480 -6.47 13.40 -17.18
CA ASN A 480 -6.27 13.16 -18.61
C ASN A 480 -7.24 14.11 -19.40
N TYR A 481 -8.23 14.66 -18.65
CA TYR A 481 -9.30 15.52 -19.11
C TYR A 481 -9.31 16.89 -18.41
N SER A 482 -9.94 17.88 -19.07
CA SER A 482 -10.14 19.24 -18.61
C SER A 482 -11.23 19.30 -17.54
N GLY A 483 -11.14 20.30 -16.65
CA GLY A 483 -12.09 20.55 -15.57
C GLY A 483 -13.55 20.36 -15.96
N GLY A 484 -13.93 20.98 -17.07
CA GLY A 484 -15.27 20.91 -17.65
C GLY A 484 -15.59 19.53 -18.21
N GLN A 485 -14.63 18.91 -18.93
CA GLN A 485 -14.81 17.55 -19.46
C GLN A 485 -15.01 16.55 -18.31
N LYS A 486 -14.38 16.80 -17.14
CA LYS A 486 -14.56 15.96 -15.94
C LYS A 486 -16.01 16.05 -15.49
N GLN A 487 -16.54 17.29 -15.34
CA GLN A 487 -17.92 17.59 -14.94
C GLN A 487 -18.94 16.92 -15.86
N ARG A 488 -18.62 16.87 -17.15
CA ARG A 488 -19.48 16.29 -18.17
C ARG A 488 -19.57 14.77 -18.02
N ILE A 489 -18.50 14.08 -17.53
CA ILE A 489 -18.52 12.62 -17.28
C ILE A 489 -19.61 12.34 -16.23
N SER A 490 -19.51 13.05 -15.10
CA SER A 490 -20.44 12.94 -13.99
C SER A 490 -21.88 13.28 -14.45
N LEU A 491 -22.02 14.27 -15.36
CA LEU A 491 -23.31 14.67 -15.91
C LEU A 491 -23.91 13.58 -16.83
N ALA A 492 -23.05 12.95 -17.68
CA ALA A 492 -23.44 11.87 -18.57
C ALA A 492 -24.01 10.68 -17.79
N ARG A 493 -23.50 10.45 -16.55
CA ARG A 493 -23.95 9.36 -15.68
C ARG A 493 -25.45 9.50 -15.36
N LEU A 494 -25.87 10.74 -15.04
CA LEU A 494 -27.26 11.08 -14.71
C LEU A 494 -28.26 10.62 -15.80
N PHE A 495 -27.88 10.73 -17.08
CA PHE A 495 -28.76 10.36 -18.18
C PHE A 495 -29.00 8.83 -18.31
N LEU A 496 -28.14 8.00 -17.71
CA LEU A 496 -28.33 6.54 -17.73
C LEU A 496 -29.20 6.10 -16.54
N ARG A 497 -29.12 6.87 -15.44
CA ARG A 497 -29.91 6.70 -14.23
C ARG A 497 -31.38 7.12 -14.48
N LYS A 498 -32.32 6.80 -13.56
CA LYS A 498 -33.73 7.16 -13.71
C LYS A 498 -34.27 7.73 -12.37
N PRO A 499 -33.88 8.95 -11.94
CA PRO A 499 -34.32 9.43 -10.61
C PRO A 499 -35.56 10.34 -10.61
N ALA A 500 -36.14 10.50 -9.40
CA ALA A 500 -37.28 11.36 -9.12
C ALA A 500 -36.77 12.73 -8.71
N ILE A 501 -35.69 12.76 -7.91
CA ILE A 501 -35.02 13.99 -7.48
C ILE A 501 -33.63 14.05 -8.17
N ILE A 502 -33.23 15.24 -8.67
CA ILE A 502 -31.91 15.46 -9.29
C ILE A 502 -31.22 16.63 -8.60
N ILE A 503 -30.12 16.38 -7.85
CA ILE A 503 -29.39 17.47 -7.18
C ILE A 503 -28.12 17.81 -7.97
N ILE A 504 -27.94 19.11 -8.31
CA ILE A 504 -26.76 19.57 -9.08
C ILE A 504 -25.92 20.54 -8.19
N ASP A 505 -25.04 19.99 -7.28
CA ASP A 505 -24.26 20.84 -6.37
C ASP A 505 -23.04 21.43 -7.05
N GLU A 506 -23.15 22.66 -7.57
CA GLU A 506 -22.10 23.42 -8.28
C GLU A 506 -21.38 22.51 -9.33
N ALA A 507 -22.16 21.53 -9.84
CA ALA A 507 -21.70 20.48 -10.70
C ALA A 507 -21.47 20.95 -12.16
N THR A 508 -21.72 22.25 -12.46
CA THR A 508 -21.53 22.85 -13.82
C THR A 508 -20.63 24.11 -13.79
N SER A 509 -19.99 24.40 -12.63
CA SER A 509 -19.13 25.56 -12.42
C SER A 509 -17.97 25.69 -13.44
N ALA A 510 -17.38 24.58 -13.88
CA ALA A 510 -16.28 24.56 -14.85
C ALA A 510 -16.76 24.71 -16.32
N LEU A 511 -18.08 24.83 -16.54
CA LEU A 511 -18.67 25.00 -17.88
C LEU A 511 -19.05 26.47 -18.18
N ASP A 512 -18.90 26.87 -19.47
CA ASP A 512 -19.33 28.19 -19.94
C ASP A 512 -20.88 28.22 -20.07
N TYR A 513 -21.48 29.44 -20.13
CA TYR A 513 -22.95 29.63 -20.22
C TYR A 513 -23.62 28.72 -21.25
N ILE A 514 -23.07 28.65 -22.49
CA ILE A 514 -23.64 27.86 -23.58
C ILE A 514 -23.88 26.42 -23.12
N ASN A 515 -22.81 25.67 -22.74
CA ASN A 515 -22.90 24.26 -22.31
C ASN A 515 -23.71 24.07 -21.04
N GLU A 516 -23.47 24.91 -20.00
CA GLU A 516 -24.21 24.88 -18.74
C GLU A 516 -25.72 24.86 -19.01
N SER A 517 -26.23 25.84 -19.81
CA SER A 517 -27.63 25.98 -20.21
C SER A 517 -28.09 24.84 -21.14
N GLU A 518 -27.22 24.44 -22.08
CA GLU A 518 -27.48 23.37 -23.04
C GLU A 518 -27.64 21.98 -22.36
N ILE A 519 -26.78 21.63 -21.36
CA ILE A 519 -26.87 20.33 -20.68
C ILE A 519 -28.10 20.37 -19.76
N LEU A 520 -28.21 21.45 -18.95
CA LEU A 520 -29.33 21.67 -18.04
C LEU A 520 -30.67 21.69 -18.81
N SER A 521 -30.65 22.02 -20.12
CA SER A 521 -31.85 21.98 -20.95
C SER A 521 -32.22 20.51 -21.21
N SER A 522 -31.22 19.69 -21.65
CA SER A 522 -31.38 18.25 -21.94
C SER A 522 -31.71 17.43 -20.69
N ILE A 523 -31.39 17.95 -19.48
CA ILE A 523 -31.77 17.29 -18.22
C ILE A 523 -33.30 17.41 -18.07
N ARG A 524 -33.83 18.66 -18.12
CA ARG A 524 -35.27 18.93 -17.98
C ARG A 524 -36.12 18.26 -19.06
N THR A 525 -35.58 18.15 -20.28
CA THR A 525 -36.24 17.48 -21.40
C THR A 525 -36.37 15.97 -21.12
N HIS A 526 -35.23 15.29 -20.81
CA HIS A 526 -35.18 13.84 -20.55
C HIS A 526 -35.80 13.47 -19.21
N PHE A 527 -35.80 14.37 -18.22
CA PHE A 527 -36.42 14.11 -16.90
C PHE A 527 -37.50 15.19 -16.67
N PRO A 528 -38.68 15.05 -17.32
CA PRO A 528 -39.71 16.10 -17.20
C PRO A 528 -40.35 16.21 -15.84
N ASP A 529 -40.62 15.07 -15.17
CA ASP A 529 -41.28 15.07 -13.86
C ASP A 529 -40.27 15.16 -12.69
N ALA A 530 -38.96 15.31 -12.98
CA ALA A 530 -37.95 15.33 -11.93
C ALA A 530 -37.86 16.62 -11.15
N LEU A 531 -37.91 16.52 -9.80
CA LEU A 531 -37.72 17.64 -8.88
C LEU A 531 -36.22 17.99 -8.95
N ILE A 532 -35.85 19.25 -9.26
CA ILE A 532 -34.42 19.57 -9.40
C ILE A 532 -33.91 20.58 -8.34
N ILE A 533 -32.99 20.17 -7.48
CA ILE A 533 -32.38 21.14 -6.57
C ILE A 533 -31.05 21.59 -7.23
N ASN A 534 -30.86 22.90 -7.37
CA ASN A 534 -29.64 23.45 -7.96
C ASN A 534 -28.87 24.36 -6.99
N ILE A 535 -27.62 23.98 -6.65
CA ILE A 535 -26.79 24.83 -5.79
C ILE A 535 -25.85 25.61 -6.70
N SER A 536 -26.01 26.94 -6.68
CA SER A 536 -25.21 27.80 -7.54
C SER A 536 -25.00 29.15 -6.94
N HIS A 537 -23.82 29.71 -7.19
CA HIS A 537 -23.49 31.06 -6.78
C HIS A 537 -23.80 31.97 -7.95
N ARG A 538 -23.69 31.46 -9.20
CA ARG A 538 -24.02 32.15 -10.46
C ARG A 538 -25.54 32.43 -10.54
N ILE A 539 -25.98 33.35 -11.42
CA ILE A 539 -27.40 33.74 -11.56
C ILE A 539 -28.11 33.07 -12.75
N ASN A 540 -27.39 32.58 -13.76
CA ASN A 540 -28.00 31.95 -14.95
C ASN A 540 -28.78 30.65 -14.64
N LEU A 541 -28.88 30.26 -13.36
CA LEU A 541 -29.60 29.07 -12.89
C LEU A 541 -30.67 29.48 -11.87
N LEU A 542 -30.34 30.49 -11.04
CA LEU A 542 -31.17 31.11 -10.01
C LEU A 542 -32.37 31.81 -10.64
N GLU A 543 -32.14 32.44 -11.82
CA GLU A 543 -33.15 33.14 -12.61
C GLU A 543 -34.06 32.13 -13.32
N CYS A 544 -33.50 30.96 -13.66
CA CYS A 544 -34.20 29.88 -14.36
C CYS A 544 -35.12 29.06 -13.45
N SER A 545 -34.83 29.02 -12.13
CA SER A 545 -35.58 28.21 -11.17
C SER A 545 -37.01 28.73 -10.90
N ASP A 546 -37.91 27.78 -10.53
CA ASP A 546 -39.30 28.05 -10.16
C ASP A 546 -39.38 28.74 -8.80
N CYS A 547 -38.36 28.53 -7.94
CA CYS A 547 -38.25 29.15 -6.62
C CYS A 547 -36.80 29.15 -6.15
N VAL A 548 -36.38 30.17 -5.40
CA VAL A 548 -35.03 30.30 -4.87
C VAL A 548 -35.07 30.28 -3.36
N TYR A 549 -34.13 29.55 -2.74
CA TYR A 549 -33.98 29.44 -1.30
C TYR A 549 -32.59 29.96 -0.91
N VAL A 550 -32.52 30.88 0.06
CA VAL A 550 -31.25 31.47 0.50
C VAL A 550 -30.92 30.93 1.88
N LEU A 551 -29.80 30.19 1.97
CA LEU A 551 -29.34 29.63 3.22
C LEU A 551 -28.24 30.51 3.81
N ASN A 552 -28.39 30.91 5.07
CA ASN A 552 -27.39 31.73 5.75
C ASN A 552 -27.22 31.23 7.18
N GLU A 553 -25.98 30.76 7.49
CA GLU A 553 -25.52 30.20 8.77
C GLU A 553 -26.50 29.13 9.32
N GLY A 554 -26.84 28.18 8.47
CA GLY A 554 -27.69 27.07 8.84
C GLY A 554 -29.17 27.22 8.62
N ASN A 555 -29.69 28.44 8.76
CA ASN A 555 -31.13 28.68 8.58
C ASN A 555 -31.45 29.28 7.23
N ILE A 556 -32.61 28.86 6.68
CA ILE A 556 -33.19 29.34 5.42
C ILE A 556 -33.76 30.75 5.70
N VAL A 557 -33.07 31.80 5.19
CA VAL A 557 -33.41 33.20 5.45
C VAL A 557 -34.34 33.85 4.40
N ALA A 558 -34.48 33.28 3.17
CA ALA A 558 -35.32 33.89 2.13
C ALA A 558 -35.85 32.89 1.12
N SER A 559 -37.08 33.10 0.65
CA SER A 559 -37.72 32.20 -0.32
C SER A 559 -38.42 33.00 -1.46
N GLY A 560 -39.03 32.29 -2.41
CA GLY A 560 -39.76 32.91 -3.52
C GLY A 560 -38.98 33.05 -4.80
N HIS A 561 -39.55 33.78 -5.79
CA HIS A 561 -38.94 34.04 -7.11
C HIS A 561 -37.68 34.88 -6.97
N PHE A 562 -36.73 34.71 -7.89
CA PHE A 562 -35.44 35.41 -7.88
C PHE A 562 -35.63 36.93 -7.98
N ARG A 563 -36.52 37.40 -8.90
CA ARG A 563 -36.83 38.81 -9.15
C ARG A 563 -37.42 39.50 -7.90
N ASP A 564 -38.28 38.77 -7.17
CA ASP A 564 -38.90 39.22 -5.92
C ASP A 564 -37.91 39.24 -4.76
N LEU A 565 -36.70 38.64 -4.94
CA LEU A 565 -35.67 38.53 -3.93
C LEU A 565 -34.51 39.52 -4.13
N MET A 566 -34.29 39.98 -5.37
CA MET A 566 -33.22 40.95 -5.68
C MET A 566 -33.69 42.40 -5.41
N VAL A 567 -34.85 42.52 -4.74
CA VAL A 567 -35.53 43.74 -4.30
C VAL A 567 -35.53 43.71 -2.75
N SER A 568 -36.06 42.60 -2.19
CA SER A 568 -36.22 42.29 -0.77
C SER A 568 -34.88 42.06 -0.06
N ASN A 569 -34.16 40.99 -0.47
CA ASN A 569 -32.87 40.57 0.10
C ASN A 569 -31.71 41.33 -0.54
N GLU A 570 -30.79 41.83 0.31
CA GLU A 570 -29.60 42.58 -0.09
C GLU A 570 -28.60 41.66 -0.79
N TYR A 571 -28.44 40.40 -0.27
CA TYR A 571 -27.54 39.38 -0.83
C TYR A 571 -27.92 39.07 -2.29
N ILE A 572 -29.23 38.87 -2.56
CA ILE A 572 -29.70 38.57 -3.91
C ILE A 572 -29.67 39.85 -4.78
N SER A 573 -29.82 41.05 -4.15
CA SER A 573 -29.72 42.33 -4.86
C SER A 573 -28.29 42.55 -5.36
N GLY A 574 -27.33 42.41 -4.44
CA GLY A 574 -25.90 42.55 -4.69
C GLY A 574 -25.36 41.58 -5.71
N LEU A 575 -25.87 40.33 -5.67
CA LEU A 575 -25.47 39.25 -6.59
C LEU A 575 -25.91 39.58 -8.02
N ALA A 576 -27.14 40.09 -8.21
CA ALA A 576 -27.69 40.44 -9.51
C ALA A 576 -26.99 41.66 -10.11
N SER A 577 -26.51 42.59 -9.24
CA SER A 577 -25.78 43.81 -9.63
C SER A 577 -24.44 43.47 -10.36
N VAL A 578 -24.05 42.18 -10.36
CA VAL A 578 -22.86 41.64 -11.03
C VAL A 578 -23.26 41.36 -12.51
N THR A 579 -23.72 42.43 -13.20
CA THR A 579 -24.18 42.47 -14.60
C THR A 579 -23.81 43.81 -15.23
N LYS B 4 26.82 -3.16 -15.75
CA LYS B 4 26.92 -1.77 -15.31
C LYS B 4 25.83 -1.42 -14.27
N GLN B 5 24.56 -1.86 -14.53
CA GLN B 5 23.42 -1.63 -13.63
C GLN B 5 23.51 -2.54 -12.38
N LYS B 6 24.25 -3.67 -12.50
CA LYS B 6 24.51 -4.63 -11.42
C LYS B 6 25.27 -3.96 -10.27
N ASN B 7 26.32 -3.18 -10.62
CA ASN B 7 27.19 -2.43 -9.69
C ASN B 7 26.44 -1.29 -9.00
N SER B 8 25.54 -0.61 -9.74
CA SER B 8 24.74 0.52 -9.23
C SER B 8 23.76 0.05 -8.16
N LEU B 9 23.18 -1.16 -8.36
CA LEU B 9 22.22 -1.81 -7.48
C LEU B 9 22.79 -2.01 -6.08
N PHE B 10 23.94 -2.73 -5.98
CA PHE B 10 24.61 -3.05 -4.72
C PHE B 10 25.18 -1.82 -4.05
N ASN B 11 25.55 -0.79 -4.84
CA ASN B 11 26.05 0.46 -4.28
C ASN B 11 24.89 1.20 -3.59
N TYR B 12 23.68 1.14 -4.20
CA TYR B 12 22.46 1.74 -3.65
C TYR B 12 22.09 1.08 -2.33
N ILE B 13 22.21 -0.27 -2.22
CA ILE B 13 21.88 -1.01 -1.00
C ILE B 13 22.91 -0.66 0.09
N TYR B 14 24.22 -0.64 -0.27
CA TYR B 14 25.32 -0.31 0.65
C TYR B 14 25.12 1.08 1.26
N SER B 15 24.74 2.07 0.41
CA SER B 15 24.51 3.47 0.78
C SER B 15 23.41 3.65 1.86
N LEU B 16 22.39 2.74 1.87
CA LEU B 16 21.28 2.73 2.83
C LEU B 16 21.73 2.34 4.24
N MET B 17 22.97 1.83 4.38
CA MET B 17 23.53 1.39 5.66
C MET B 17 24.43 2.45 6.27
N ASP B 18 24.04 2.96 7.48
CA ASP B 18 24.86 3.93 8.21
C ASP B 18 26.01 3.14 8.90
N VAL B 19 26.69 3.73 9.92
CA VAL B 19 27.77 3.00 10.57
C VAL B 19 27.21 1.75 11.30
N ARG B 20 26.11 1.92 12.08
CA ARG B 20 25.48 0.80 12.79
C ARG B 20 25.01 -0.25 11.79
N GLY B 21 24.54 0.19 10.62
CA GLY B 21 24.09 -0.69 9.55
C GLY B 21 25.20 -1.53 8.95
N LYS B 22 26.39 -0.95 8.81
CA LYS B 22 27.52 -1.67 8.24
C LYS B 22 28.05 -2.72 9.22
N PHE B 23 28.06 -2.40 10.53
CA PHE B 23 28.49 -3.34 11.58
C PHE B 23 27.56 -4.54 11.61
N LEU B 24 26.23 -4.30 11.75
CA LEU B 24 25.20 -5.33 11.78
C LEU B 24 25.30 -6.24 10.55
N PHE B 25 25.59 -5.67 9.37
CA PHE B 25 25.75 -6.46 8.15
C PHE B 25 27.00 -7.33 8.21
N PHE B 26 28.15 -6.78 8.68
CA PHE B 26 29.39 -7.55 8.74
C PHE B 26 29.34 -8.60 9.87
N SER B 27 28.70 -8.27 11.01
CA SER B 27 28.49 -9.21 12.10
C SER B 27 27.67 -10.42 11.59
N MET B 28 26.63 -10.15 10.78
CA MET B 28 25.80 -11.19 10.17
C MET B 28 26.62 -12.08 9.26
N LEU B 29 27.57 -11.52 8.49
CA LEU B 29 28.45 -12.26 7.59
C LEU B 29 29.46 -13.11 8.37
N PHE B 30 30.08 -12.51 9.40
CA PHE B 30 31.07 -13.15 10.25
C PHE B 30 30.48 -14.37 10.97
N ILE B 31 29.45 -14.17 11.81
CA ILE B 31 28.75 -15.21 12.58
C ILE B 31 28.27 -16.36 11.64
N THR B 32 27.72 -16.05 10.46
CA THR B 32 27.31 -17.09 9.51
C THR B 32 28.51 -17.92 9.00
N SER B 33 29.68 -17.25 8.82
CA SER B 33 30.92 -17.87 8.33
C SER B 33 31.58 -18.71 9.42
N LEU B 34 31.69 -18.18 10.64
CA LEU B 34 32.27 -18.85 11.80
C LEU B 34 31.52 -20.14 12.10
N SER B 35 30.18 -20.10 12.16
CA SER B 35 29.35 -21.28 12.44
C SER B 35 29.45 -22.36 11.37
N SER B 36 29.73 -22.00 10.09
CA SER B 36 29.86 -23.02 9.05
C SER B 36 31.21 -23.73 9.19
N ILE B 37 32.24 -23.04 9.75
CA ILE B 37 33.56 -23.63 10.00
C ILE B 37 33.36 -24.71 11.09
N ILE B 38 32.83 -24.28 12.25
CA ILE B 38 32.54 -25.11 13.40
C ILE B 38 31.67 -26.34 12.98
N ILE B 39 30.50 -26.13 12.37
CA ILE B 39 29.67 -27.27 12.01
C ILE B 39 30.30 -28.19 10.93
N SER B 40 31.36 -27.75 10.22
CA SER B 40 31.96 -28.67 9.23
C SER B 40 32.93 -29.68 9.89
N ILE B 41 33.27 -29.43 11.17
CA ILE B 41 34.13 -30.23 12.04
C ILE B 41 33.33 -31.42 12.57
N SER B 42 32.09 -31.17 13.05
CA SER B 42 31.17 -32.15 13.66
C SER B 42 31.03 -33.52 12.95
N PRO B 43 31.01 -33.73 11.60
CA PRO B 43 30.93 -35.12 11.10
C PRO B 43 32.20 -35.93 11.35
N LEU B 44 33.31 -35.25 11.64
CA LEU B 44 34.54 -35.94 11.98
C LEU B 44 34.42 -36.44 13.40
N ILE B 45 33.99 -35.54 14.33
CA ILE B 45 33.78 -35.85 15.74
C ILE B 45 32.89 -37.10 15.86
N LEU B 46 31.81 -37.14 15.10
CA LEU B 46 30.88 -38.26 15.08
C LEU B 46 31.57 -39.53 14.64
N ALA B 47 32.42 -39.46 13.58
CA ALA B 47 33.17 -40.60 13.06
C ALA B 47 34.19 -41.08 14.10
N LYS B 48 34.87 -40.13 14.80
CA LYS B 48 35.84 -40.39 15.86
C LYS B 48 35.15 -41.08 17.05
N ILE B 49 33.91 -40.67 17.38
CA ILE B 49 33.10 -41.33 18.43
C ILE B 49 32.82 -42.77 17.95
N THR B 50 32.32 -42.94 16.71
CA THR B 50 31.96 -44.24 16.15
C THR B 50 33.11 -45.26 16.19
N ASP B 51 34.33 -44.94 15.69
CA ASP B 51 35.43 -45.92 15.68
C ASP B 51 35.87 -46.30 17.10
N LEU B 52 36.00 -45.28 18.00
CA LEU B 52 36.40 -45.46 19.39
C LEU B 52 35.55 -46.53 20.08
N LEU B 53 34.25 -46.59 19.73
CA LEU B 53 33.33 -47.58 20.27
C LEU B 53 33.34 -48.89 19.48
N SER B 54 33.36 -48.79 18.12
CA SER B 54 33.31 -49.93 17.21
C SER B 54 34.51 -50.84 17.38
N GLY B 55 34.24 -52.11 17.65
CA GLY B 55 35.27 -53.12 17.80
C GLY B 55 35.61 -53.43 19.24
N SER B 56 36.07 -52.41 19.99
CA SER B 56 36.40 -52.54 21.41
C SER B 56 35.18 -53.02 22.13
N LEU B 57 35.35 -53.88 23.10
CA LEU B 57 34.19 -54.39 23.82
C LEU B 57 34.19 -53.70 25.16
N SER B 58 33.82 -52.40 25.10
CA SER B 58 33.78 -51.42 26.19
C SER B 58 35.21 -51.08 26.67
N ASN B 59 36.23 -51.37 25.83
CA ASN B 59 37.65 -51.14 26.15
C ASN B 59 38.23 -49.91 25.41
N PHE B 60 37.94 -48.70 25.92
CA PHE B 60 38.38 -47.41 25.33
C PHE B 60 38.44 -46.31 26.39
N SER B 61 39.05 -45.15 26.05
CA SER B 61 39.12 -44.05 27.00
C SER B 61 37.74 -43.40 27.14
N TYR B 62 37.06 -43.63 28.29
CA TYR B 62 35.74 -43.08 28.60
C TYR B 62 35.79 -41.55 28.71
N GLU B 63 36.97 -41.02 29.09
CA GLU B 63 37.27 -39.59 29.20
C GLU B 63 37.38 -38.96 27.80
N TYR B 64 37.88 -39.73 26.80
CA TYR B 64 38.01 -39.27 25.41
C TYR B 64 36.64 -39.24 24.73
N LEU B 65 35.73 -40.20 25.07
CA LEU B 65 34.39 -40.23 24.51
C LEU B 65 33.61 -39.01 24.99
N VAL B 66 33.75 -38.67 26.29
CA VAL B 66 33.12 -37.51 26.93
C VAL B 66 33.65 -36.25 26.24
N LEU B 67 34.98 -36.13 26.03
CA LEU B 67 35.58 -34.98 25.34
C LEU B 67 35.04 -34.86 23.91
N LEU B 68 34.87 -36.01 23.22
CA LEU B 68 34.32 -36.03 21.87
C LEU B 68 32.86 -35.60 21.88
N ALA B 69 32.05 -36.17 22.78
CA ALA B 69 30.62 -35.85 22.91
C ALA B 69 30.41 -34.39 23.28
N CYS B 70 31.29 -33.83 24.12
CA CYS B 70 31.20 -32.42 24.50
C CYS B 70 31.53 -31.50 23.30
N LEU B 71 32.52 -31.87 22.48
CA LEU B 71 32.87 -31.08 21.30
C LEU B 71 31.72 -31.07 20.28
N TYR B 72 31.05 -32.22 20.08
CA TYR B 72 29.90 -32.29 19.19
C TYR B 72 28.77 -31.42 19.70
N MET B 73 28.59 -31.36 21.03
CA MET B 73 27.56 -30.53 21.65
C MET B 73 27.87 -29.06 21.42
N PHE B 74 29.14 -28.65 21.59
CA PHE B 74 29.59 -27.29 21.37
C PHE B 74 29.29 -26.88 19.94
N CYS B 75 29.53 -27.78 18.96
CA CYS B 75 29.22 -27.56 17.54
C CYS B 75 27.72 -27.22 17.39
N VAL B 76 26.86 -28.15 17.81
CA VAL B 76 25.40 -28.04 17.75
C VAL B 76 24.92 -26.74 18.48
N ILE B 77 25.40 -26.46 19.71
CA ILE B 77 25.01 -25.26 20.46
C ILE B 77 25.48 -23.98 19.72
N SER B 78 26.78 -23.90 19.35
CA SER B 78 27.30 -22.72 18.68
C SER B 78 26.58 -22.45 17.35
N ASN B 79 26.23 -23.53 16.59
CA ASN B 79 25.50 -23.39 15.34
C ASN B 79 24.10 -22.81 15.60
N LYS B 80 23.41 -23.26 16.67
CA LYS B 80 22.08 -22.71 16.96
C LYS B 80 22.18 -21.28 17.53
N ALA B 81 23.15 -21.01 18.42
CA ALA B 81 23.34 -19.66 18.94
C ALA B 81 23.52 -18.69 17.78
N SER B 82 24.32 -19.12 16.76
CA SER B 82 24.60 -18.36 15.54
C SER B 82 23.31 -18.04 14.76
N VAL B 83 22.38 -19.02 14.62
CA VAL B 83 21.09 -18.83 13.93
C VAL B 83 20.29 -17.74 14.66
N PHE B 84 20.12 -17.87 16.00
CA PHE B 84 19.41 -16.86 16.80
C PHE B 84 20.09 -15.50 16.73
N LEU B 85 21.43 -15.46 16.81
CA LEU B 85 22.16 -14.21 16.73
C LEU B 85 22.03 -13.58 15.35
N PHE B 86 22.02 -14.39 14.29
CA PHE B 86 21.86 -13.84 12.94
C PHE B 86 20.49 -13.21 12.78
N MET B 87 19.41 -13.87 13.24
CA MET B 87 18.08 -13.30 13.05
C MET B 87 17.88 -12.04 13.89
N ILE B 88 18.49 -11.95 15.10
CA ILE B 88 18.47 -10.74 15.95
C ILE B 88 19.16 -9.60 15.18
N LEU B 89 20.34 -9.87 14.57
CA LEU B 89 21.08 -8.87 13.80
C LEU B 89 20.32 -8.46 12.55
N GLN B 90 19.65 -9.43 11.89
CA GLN B 90 18.87 -9.22 10.67
C GLN B 90 17.74 -8.20 10.92
N SER B 91 16.90 -8.43 11.94
CA SER B 91 15.80 -7.51 12.28
C SER B 91 16.35 -6.14 12.66
N SER B 92 17.45 -6.09 13.44
CA SER B 92 18.08 -4.81 13.80
C SER B 92 18.49 -4.03 12.55
N LEU B 93 19.07 -4.73 11.54
CA LEU B 93 19.47 -4.12 10.25
C LEU B 93 18.27 -3.75 9.40
N ARG B 94 17.15 -4.51 9.51
CA ARG B 94 15.94 -4.18 8.73
C ARG B 94 15.45 -2.82 9.21
N ILE B 95 15.27 -2.68 10.55
CA ILE B 95 14.83 -1.46 11.25
C ILE B 95 15.72 -0.29 10.82
N ASN B 96 17.03 -0.50 10.90
CA ASN B 96 18.05 0.48 10.57
C ASN B 96 17.92 0.98 9.14
N MET B 97 17.96 0.07 8.15
CA MET B 97 17.88 0.45 6.73
C MET B 97 16.51 0.99 6.30
N GLN B 98 15.42 0.60 6.99
CA GLN B 98 14.03 0.96 6.70
C GLN B 98 13.80 2.48 6.51
N LYS B 99 14.03 3.32 7.55
CA LYS B 99 13.84 4.77 7.52
C LYS B 99 14.58 5.40 6.32
N LYS B 100 15.89 5.21 6.22
CA LYS B 100 16.73 5.75 5.14
C LYS B 100 16.19 5.41 3.76
N MET B 101 15.68 4.18 3.55
CA MET B 101 15.11 3.68 2.30
C MET B 101 13.84 4.46 1.95
N SER B 102 12.92 4.60 2.93
CA SER B 102 11.64 5.26 2.78
C SER B 102 11.77 6.76 2.45
N LEU B 103 12.66 7.51 3.16
CA LEU B 103 12.87 8.93 2.87
C LEU B 103 13.47 9.12 1.49
N LYS B 104 14.48 8.33 1.11
CA LYS B 104 15.08 8.38 -0.22
C LYS B 104 14.00 8.25 -1.31
N TYR B 105 12.93 7.44 -1.05
CA TYR B 105 11.82 7.24 -1.98
C TYR B 105 11.01 8.51 -2.10
N LEU B 106 10.60 9.10 -0.96
CA LEU B 106 9.81 10.34 -0.91
C LEU B 106 10.57 11.48 -1.60
N ARG B 107 11.85 11.64 -1.27
CA ARG B 107 12.72 12.65 -1.88
C ARG B 107 12.90 12.35 -3.36
N GLU B 108 12.95 11.06 -3.74
CA GLU B 108 13.07 10.69 -5.16
C GLU B 108 11.79 11.01 -5.89
N LEU B 109 10.63 10.92 -5.19
CA LEU B 109 9.32 11.17 -5.79
C LEU B 109 9.10 12.68 -6.01
N TYR B 110 9.65 13.52 -5.10
CA TYR B 110 9.60 14.98 -5.18
C TYR B 110 10.37 15.49 -6.39
N ASN B 111 11.49 14.87 -6.73
CA ASN B 111 12.34 15.28 -7.86
C ASN B 111 11.81 14.76 -9.20
N GLU B 112 10.72 13.98 -9.21
CA GLU B 112 10.15 13.45 -10.44
C GLU B 112 9.31 14.52 -11.16
N ASN B 113 9.14 14.36 -12.48
CA ASN B 113 8.33 15.25 -13.29
C ASN B 113 6.83 14.91 -13.12
N ILE B 114 5.95 15.94 -13.18
CA ILE B 114 4.48 15.88 -13.02
C ILE B 114 3.86 14.83 -13.96
N THR B 115 4.36 14.73 -15.22
CA THR B 115 3.88 13.77 -16.22
C THR B 115 4.06 12.34 -15.75
N ASN B 116 5.23 12.05 -15.14
CA ASN B 116 5.57 10.72 -14.63
C ASN B 116 4.87 10.43 -13.31
N LEU B 117 4.66 11.45 -12.48
CA LEU B 117 3.98 11.31 -11.19
C LEU B 117 2.52 10.94 -11.40
N SER B 118 1.87 11.58 -12.38
CA SER B 118 0.45 11.41 -12.72
C SER B 118 0.13 10.01 -13.28
N LYS B 119 1.16 9.32 -13.80
CA LYS B 119 1.08 7.98 -14.40
C LYS B 119 0.48 6.91 -13.48
N ASN B 120 0.79 6.94 -12.16
CA ASN B 120 0.34 5.94 -11.18
C ASN B 120 -0.19 6.57 -9.88
N ASN B 121 -1.11 5.86 -9.19
CA ASN B 121 -1.71 6.37 -7.94
C ASN B 121 -0.87 6.07 -6.69
N ALA B 122 -1.42 6.42 -5.51
CA ALA B 122 -0.79 6.22 -4.22
C ALA B 122 -0.74 4.74 -3.87
N GLY B 123 -1.82 4.00 -4.15
CA GLY B 123 -1.88 2.56 -3.92
C GLY B 123 -0.71 1.85 -4.54
N TYR B 124 -0.41 2.19 -5.79
CA TYR B 124 0.72 1.70 -6.55
C TYR B 124 2.03 2.17 -5.93
N THR B 125 2.28 3.48 -5.78
CA THR B 125 3.58 3.93 -5.22
C THR B 125 3.85 3.35 -3.80
N THR B 126 2.79 3.19 -2.97
CA THR B 126 2.88 2.65 -1.62
C THR B 126 3.34 1.16 -1.68
N GLN B 127 2.71 0.33 -2.54
CA GLN B 127 3.08 -1.06 -2.67
C GLN B 127 4.38 -1.24 -3.46
N SER B 128 4.77 -0.22 -4.23
CA SER B 128 6.05 -0.27 -4.95
C SER B 128 7.20 -0.20 -3.96
N LEU B 129 7.07 0.61 -2.89
CA LEU B 129 8.08 0.73 -1.83
C LEU B 129 8.17 -0.59 -1.09
N ASN B 130 7.00 -1.21 -0.84
CA ASN B 130 6.86 -2.49 -0.16
C ASN B 130 7.70 -3.58 -0.84
N GLN B 131 7.50 -3.76 -2.16
CA GLN B 131 8.19 -4.74 -2.99
C GLN B 131 9.71 -4.46 -3.00
N ALA B 132 10.08 -3.18 -3.16
CA ALA B 132 11.48 -2.78 -3.19
C ALA B 132 12.16 -3.02 -1.87
N SER B 133 11.48 -2.69 -0.73
CA SER B 133 12.06 -2.88 0.59
C SER B 133 12.37 -4.35 0.83
N ASN B 134 11.39 -5.21 0.52
CA ASN B 134 11.49 -6.66 0.63
C ASN B 134 12.60 -7.17 -0.32
N ASP B 135 12.64 -6.64 -1.55
CA ASP B 135 13.71 -7.03 -2.49
C ASP B 135 15.08 -6.79 -1.93
N ILE B 136 15.30 -5.58 -1.30
CA ILE B 136 16.57 -5.24 -0.65
C ILE B 136 16.82 -6.27 0.43
N TYR B 137 15.84 -6.48 1.35
CA TYR B 137 15.92 -7.41 2.49
C TYR B 137 16.51 -8.76 2.05
N ILE B 138 15.83 -9.43 1.06
CA ILE B 138 16.26 -10.68 0.44
C ILE B 138 17.73 -10.59 0.02
N LEU B 139 18.10 -9.56 -0.75
CA LEU B 139 19.48 -9.39 -1.25
C LEU B 139 20.46 -9.28 -0.10
N VAL B 140 20.17 -8.38 0.92
CA VAL B 140 21.01 -8.24 2.12
C VAL B 140 21.24 -9.64 2.75
N ARG B 141 20.15 -10.43 2.94
CA ARG B 141 20.20 -11.77 3.53
C ARG B 141 21.07 -12.70 2.71
N ASN B 142 20.71 -12.95 1.39
CA ASN B 142 21.44 -13.86 0.50
C ASN B 142 22.94 -13.58 0.45
N VAL B 143 23.31 -12.30 0.54
CA VAL B 143 24.73 -11.92 0.56
C VAL B 143 25.34 -12.25 1.93
N SER B 144 24.72 -11.79 3.03
CA SER B 144 25.27 -11.97 4.38
C SER B 144 25.23 -13.41 4.89
N GLN B 145 24.45 -14.29 4.22
CA GLN B 145 24.30 -15.65 4.72
C GLN B 145 24.62 -16.77 3.72
N ASN B 146 24.27 -16.63 2.45
CA ASN B 146 24.43 -17.76 1.53
C ASN B 146 25.60 -17.67 0.56
N ILE B 147 26.66 -16.89 0.89
CA ILE B 147 27.81 -16.81 -0.01
C ILE B 147 28.99 -17.59 0.63
N LEU B 148 29.59 -17.06 1.71
CA LEU B 148 30.73 -17.68 2.35
C LEU B 148 30.36 -19.02 3.00
N SER B 149 29.35 -19.02 3.91
CA SER B 149 28.91 -20.20 4.65
C SER B 149 28.74 -21.47 3.75
N PRO B 150 27.95 -21.49 2.65
CA PRO B 150 27.83 -22.74 1.88
C PRO B 150 29.13 -23.15 1.14
N VAL B 151 29.94 -22.17 0.74
CA VAL B 151 31.24 -22.44 0.12
C VAL B 151 32.13 -23.15 1.17
N ILE B 152 32.28 -22.58 2.41
CA ILE B 152 33.06 -23.19 3.50
C ILE B 152 32.61 -24.66 3.70
N GLN B 153 31.31 -24.90 3.93
CA GLN B 153 30.76 -26.24 4.18
C GLN B 153 30.91 -27.16 2.97
N LEU B 154 30.88 -26.64 1.74
CA LEU B 154 31.03 -27.51 0.58
C LEU B 154 32.50 -27.83 0.31
N ILE B 155 33.41 -26.86 0.56
CA ILE B 155 34.85 -27.04 0.33
C ILE B 155 35.36 -28.10 1.32
N SER B 156 35.22 -27.84 2.63
CA SER B 156 35.66 -28.74 3.71
C SER B 156 35.16 -30.17 3.50
N THR B 157 33.87 -30.34 3.12
CA THR B 157 33.26 -31.64 2.86
C THR B 157 34.02 -32.37 1.74
N ILE B 158 34.28 -31.73 0.56
CA ILE B 158 35.03 -32.43 -0.52
C ILE B 158 36.49 -32.64 -0.08
N VAL B 159 37.16 -31.63 0.51
CA VAL B 159 38.55 -31.72 1.00
C VAL B 159 38.70 -32.95 1.95
N VAL B 160 37.89 -33.03 3.03
CA VAL B 160 37.94 -34.12 4.02
C VAL B 160 37.61 -35.48 3.38
N VAL B 161 36.52 -35.60 2.60
CA VAL B 161 36.17 -36.88 1.97
C VAL B 161 37.28 -37.29 0.95
N LEU B 162 37.92 -36.31 0.30
CA LEU B 162 39.06 -36.56 -0.59
C LEU B 162 40.27 -37.07 0.24
N SER B 163 40.52 -36.47 1.44
CA SER B 163 41.61 -36.84 2.34
C SER B 163 41.52 -38.32 2.75
N THR B 164 40.32 -38.81 3.14
CA THR B 164 40.11 -40.22 3.53
C THR B 164 40.16 -41.17 2.31
N LYS B 165 40.64 -40.64 1.17
CA LYS B 165 40.84 -41.31 -0.12
C LYS B 165 39.56 -42.04 -0.64
N ASP B 166 38.36 -41.55 -0.26
CA ASP B 166 37.10 -42.07 -0.80
C ASP B 166 36.83 -41.28 -2.08
N TRP B 167 37.08 -41.90 -3.24
CA TRP B 167 36.94 -41.19 -4.50
C TRP B 167 35.50 -41.19 -4.95
N PHE B 168 34.79 -42.33 -4.86
CA PHE B 168 33.39 -42.40 -5.30
C PHE B 168 32.49 -41.43 -4.51
N SER B 169 32.67 -41.32 -3.17
CA SER B 169 31.86 -40.40 -2.37
C SER B 169 32.17 -38.95 -2.78
N ALA B 170 33.41 -38.48 -2.59
CA ALA B 170 33.84 -37.12 -2.94
C ALA B 170 33.60 -36.80 -4.42
N GLY B 171 33.60 -37.85 -5.24
CA GLY B 171 33.34 -37.75 -6.67
C GLY B 171 31.91 -37.39 -6.94
N VAL B 172 30.95 -38.26 -6.49
CA VAL B 172 29.50 -38.07 -6.65
C VAL B 172 29.05 -36.80 -5.88
N PHE B 173 29.69 -36.48 -4.74
CA PHE B 173 29.41 -35.25 -4.00
C PHE B 173 29.68 -34.03 -4.91
N PHE B 174 30.92 -33.94 -5.46
CA PHE B 174 31.32 -32.87 -6.38
C PHE B 174 30.48 -32.90 -7.66
N LEU B 175 30.06 -34.09 -8.10
CA LEU B 175 29.21 -34.22 -9.28
C LEU B 175 27.88 -33.53 -9.01
N TYR B 176 27.29 -33.75 -7.82
CA TYR B 176 26.01 -33.13 -7.44
C TYR B 176 26.09 -31.62 -7.48
N ILE B 177 27.08 -30.98 -6.77
CA ILE B 177 27.18 -29.51 -6.78
C ILE B 177 27.34 -29.00 -8.21
N LEU B 178 28.08 -29.73 -9.06
CA LEU B 178 28.24 -29.36 -10.47
C LEU B 178 26.91 -29.45 -11.23
N VAL B 179 26.20 -30.61 -11.21
CA VAL B 179 24.93 -30.77 -11.92
C VAL B 179 23.90 -29.76 -11.39
N PHE B 180 23.87 -29.55 -10.05
CA PHE B 180 22.97 -28.61 -9.36
C PHE B 180 23.15 -27.17 -9.87
N VAL B 181 24.36 -26.57 -9.68
CA VAL B 181 24.66 -25.20 -10.10
C VAL B 181 24.36 -25.01 -11.59
N ILE B 182 24.62 -26.02 -12.45
CA ILE B 182 24.30 -25.91 -13.88
C ILE B 182 22.76 -25.86 -14.06
N PHE B 183 22.03 -26.95 -13.71
CA PHE B 183 20.57 -27.10 -13.86
C PHE B 183 19.78 -25.89 -13.39
N ASN B 184 20.12 -25.38 -12.19
CA ASN B 184 19.42 -24.27 -11.57
C ASN B 184 19.66 -22.96 -12.30
N THR B 185 20.93 -22.61 -12.62
CA THR B 185 21.24 -21.36 -13.37
C THR B 185 20.55 -21.40 -14.74
N ARG B 186 20.40 -22.61 -15.33
CA ARG B 186 19.72 -22.80 -16.61
C ARG B 186 18.19 -22.66 -16.46
N LEU B 187 17.69 -22.38 -15.25
CA LEU B 187 16.26 -22.17 -14.98
C LEU B 187 16.00 -20.99 -14.04
N THR B 188 17.04 -20.26 -13.59
CA THR B 188 16.87 -19.16 -12.65
C THR B 188 16.16 -17.95 -13.32
N GLY B 189 16.63 -17.48 -14.48
CA GLY B 189 16.03 -16.37 -15.23
C GLY B 189 14.56 -16.58 -15.58
N SER B 190 14.22 -17.83 -15.98
CA SER B 190 12.85 -18.26 -16.30
C SER B 190 11.92 -18.09 -15.07
N LEU B 191 12.45 -18.25 -13.85
CA LEU B 191 11.67 -18.02 -12.63
C LEU B 191 11.55 -16.53 -12.36
N ALA B 192 12.69 -15.77 -12.46
CA ALA B 192 12.75 -14.32 -12.19
C ALA B 192 11.71 -13.54 -13.05
N SER B 193 11.63 -13.89 -14.35
CA SER B 193 10.70 -13.30 -15.31
C SER B 193 9.24 -13.59 -14.89
N LEU B 194 8.95 -14.84 -14.50
CA LEU B 194 7.62 -15.25 -14.06
C LEU B 194 7.20 -14.59 -12.74
N ARG B 195 8.19 -14.27 -11.89
CA ARG B 195 8.02 -13.64 -10.59
C ARG B 195 7.82 -12.15 -10.75
N LYS B 196 8.59 -11.49 -11.67
CA LYS B 196 8.49 -10.05 -11.94
C LYS B 196 7.12 -9.72 -12.49
N HIS B 197 6.73 -10.46 -13.56
CA HIS B 197 5.42 -10.36 -14.19
C HIS B 197 4.30 -10.50 -13.18
N SER B 198 4.46 -11.36 -12.18
CA SER B 198 3.47 -11.57 -11.13
C SER B 198 3.41 -10.31 -10.23
N MET B 199 4.57 -9.86 -9.74
CA MET B 199 4.71 -8.70 -8.84
C MET B 199 4.18 -7.42 -9.42
N ASP B 200 4.24 -7.31 -10.77
CA ASP B 200 3.75 -6.17 -11.55
C ASP B 200 2.23 -6.21 -11.57
N ILE B 201 1.64 -7.40 -11.83
CA ILE B 201 0.20 -7.58 -11.79
C ILE B 201 -0.28 -7.26 -10.36
N THR B 202 0.52 -7.60 -9.35
CA THR B 202 0.20 -7.31 -7.97
C THR B 202 0.11 -5.81 -7.75
N LEU B 203 0.99 -5.00 -8.42
CA LEU B 203 0.94 -3.54 -8.30
C LEU B 203 -0.35 -3.08 -8.93
N ASN B 204 -0.63 -3.56 -10.18
CA ASN B 204 -1.88 -3.28 -10.88
C ASN B 204 -3.10 -3.52 -9.97
N SER B 205 -3.11 -4.59 -9.19
CA SER B 205 -4.19 -4.95 -8.29
C SER B 205 -4.32 -3.99 -7.11
N TYR B 206 -3.18 -3.55 -6.52
CA TYR B 206 -3.22 -2.60 -5.39
C TYR B 206 -3.69 -1.22 -5.89
N SER B 207 -3.31 -0.90 -7.14
CA SER B 207 -3.66 0.32 -7.86
C SER B 207 -5.16 0.38 -8.04
N LEU B 208 -5.78 -0.72 -8.49
CA LEU B 208 -7.24 -0.83 -8.66
C LEU B 208 -8.00 -0.82 -7.33
N LEU B 209 -7.40 -1.33 -6.24
CA LEU B 209 -8.06 -1.27 -4.94
C LEU B 209 -8.10 0.18 -4.45
N SER B 210 -6.96 0.91 -4.53
CA SER B 210 -6.92 2.29 -4.05
C SER B 210 -7.80 3.19 -4.94
N ASP B 211 -7.85 2.88 -6.25
CA ASP B 211 -8.69 3.62 -7.20
C ASP B 211 -10.15 3.48 -6.82
N THR B 212 -10.61 2.24 -6.52
CA THR B 212 -11.99 1.96 -6.11
C THR B 212 -12.26 2.59 -4.72
N VAL B 213 -11.36 2.42 -3.74
CA VAL B 213 -11.58 2.99 -2.39
C VAL B 213 -11.61 4.54 -2.44
N ASP B 214 -10.77 5.19 -3.28
CA ASP B 214 -10.76 6.65 -3.37
C ASP B 214 -12.08 7.19 -3.98
N ASN B 215 -12.74 6.39 -4.83
CA ASN B 215 -14.00 6.74 -5.49
C ASN B 215 -15.15 5.84 -4.99
N MET B 216 -15.14 5.47 -3.70
CA MET B 216 -16.15 4.57 -3.13
C MET B 216 -17.56 5.22 -3.13
N ILE B 217 -17.65 6.47 -2.62
CA ILE B 217 -18.86 7.29 -2.53
C ILE B 217 -19.56 7.31 -3.89
N ALA B 218 -18.82 7.52 -5.00
CA ALA B 218 -19.40 7.48 -6.35
C ALA B 218 -20.02 6.13 -6.65
N ALA B 219 -19.29 5.02 -6.37
CA ALA B 219 -19.74 3.64 -6.62
C ALA B 219 -20.89 3.24 -5.70
N LYS B 220 -20.88 3.75 -4.45
CA LYS B 220 -21.93 3.51 -3.46
C LYS B 220 -23.24 4.13 -3.94
N LYS B 221 -23.20 5.44 -4.29
CA LYS B 221 -24.36 6.22 -4.73
C LYS B 221 -24.92 5.78 -6.09
N ASN B 222 -24.14 5.07 -6.90
CA ASN B 222 -24.61 4.59 -8.18
C ASN B 222 -24.99 3.11 -8.07
N ASN B 223 -25.00 2.58 -6.80
CA ASN B 223 -25.28 1.17 -6.44
C ASN B 223 -24.50 0.23 -7.38
N ALA B 224 -23.19 0.50 -7.55
CA ALA B 224 -22.30 -0.14 -8.52
C ALA B 224 -21.42 -1.26 -7.94
N LEU B 225 -21.79 -1.81 -6.75
CA LEU B 225 -21.04 -2.90 -6.14
C LEU B 225 -20.64 -3.99 -7.16
N ARG B 226 -21.60 -4.49 -7.95
CA ARG B 226 -21.33 -5.51 -8.97
C ARG B 226 -20.22 -5.08 -9.94
N LEU B 227 -20.31 -3.89 -10.56
CA LEU B 227 -19.31 -3.41 -11.53
C LEU B 227 -17.90 -3.25 -10.89
N ILE B 228 -17.86 -2.70 -9.67
CA ILE B 228 -16.66 -2.44 -8.87
C ILE B 228 -16.00 -3.78 -8.46
N SER B 229 -16.81 -4.70 -7.90
CA SER B 229 -16.42 -6.02 -7.44
C SER B 229 -15.85 -6.85 -8.61
N GLU B 230 -16.54 -6.89 -9.75
CA GLU B 230 -16.08 -7.64 -10.91
C GLU B 230 -14.73 -7.16 -11.47
N ARG B 231 -14.47 -5.84 -11.52
CA ARG B 231 -13.18 -5.41 -12.09
C ARG B 231 -12.01 -5.72 -11.12
N TYR B 232 -12.28 -5.81 -9.77
CA TYR B 232 -11.27 -6.21 -8.78
C TYR B 232 -11.06 -7.73 -8.89
N GLU B 233 -12.17 -8.51 -8.87
CA GLU B 233 -12.18 -9.97 -9.03
C GLU B 233 -11.41 -10.34 -10.32
N ASP B 234 -11.52 -9.55 -11.41
CA ASP B 234 -10.75 -9.84 -12.61
C ASP B 234 -9.25 -9.65 -12.35
N ALA B 235 -8.87 -8.57 -11.65
CA ALA B 235 -7.48 -8.24 -11.31
C ALA B 235 -6.87 -9.33 -10.43
N LEU B 236 -7.65 -9.80 -9.44
CA LEU B 236 -7.24 -10.88 -8.54
C LEU B 236 -7.04 -12.18 -9.34
N THR B 237 -7.91 -12.44 -10.35
CA THR B 237 -7.78 -13.62 -11.21
C THR B 237 -6.51 -13.47 -12.06
N GLN B 238 -6.17 -12.27 -12.50
CA GLN B 238 -4.92 -12.10 -13.24
C GLN B 238 -3.72 -12.32 -12.32
N GLU B 239 -3.90 -12.04 -10.99
CA GLU B 239 -2.88 -12.19 -9.96
C GLU B 239 -2.64 -13.67 -9.66
N ASN B 240 -3.73 -14.44 -9.38
CA ASN B 240 -3.67 -15.87 -9.10
C ASN B 240 -3.00 -16.62 -10.25
N ASN B 241 -3.44 -16.39 -11.49
CA ASN B 241 -2.85 -17.07 -12.64
C ASN B 241 -1.35 -16.79 -12.77
N ALA B 242 -0.92 -15.54 -12.49
CA ALA B 242 0.51 -15.16 -12.56
C ALA B 242 1.31 -15.83 -11.46
N GLN B 243 0.67 -16.05 -10.30
CA GLN B 243 1.26 -16.66 -9.11
C GLN B 243 1.37 -18.17 -9.30
N LYS B 244 0.31 -18.82 -9.81
CA LYS B 244 0.25 -20.26 -10.10
C LYS B 244 1.33 -20.66 -11.11
N LYS B 245 1.59 -19.81 -12.12
CA LYS B 245 2.61 -20.04 -13.14
C LYS B 245 4.01 -20.11 -12.49
N TYR B 246 4.27 -19.26 -11.47
CA TYR B 246 5.54 -19.27 -10.75
C TYR B 246 5.60 -20.48 -9.87
N TRP B 247 4.50 -20.76 -9.13
CA TRP B 247 4.35 -21.88 -8.21
C TRP B 247 4.73 -23.20 -8.90
N LEU B 248 4.16 -23.50 -10.09
CA LEU B 248 4.45 -24.74 -10.83
C LEU B 248 5.92 -24.86 -11.16
N LEU B 249 6.52 -23.83 -11.78
CA LEU B 249 7.93 -23.91 -12.11
C LEU B 249 8.77 -24.09 -10.84
N SER B 250 8.47 -23.30 -9.78
CA SER B 250 9.14 -23.38 -8.47
C SER B 250 9.05 -24.79 -7.90
N SER B 251 7.83 -25.39 -7.93
CA SER B 251 7.54 -26.73 -7.43
C SER B 251 8.27 -27.79 -8.23
N LYS B 252 8.35 -27.64 -9.57
CA LYS B 252 9.07 -28.61 -10.41
C LYS B 252 10.56 -28.58 -10.09
N VAL B 253 11.21 -27.38 -10.12
CA VAL B 253 12.63 -27.21 -9.79
C VAL B 253 12.96 -27.94 -8.45
N LEU B 254 12.17 -27.67 -7.38
CA LEU B 254 12.33 -28.28 -6.06
C LEU B 254 12.20 -29.80 -6.13
N LEU B 255 11.17 -30.35 -6.82
CA LEU B 255 11.00 -31.79 -6.90
CA LEU B 255 10.94 -31.79 -7.02
C LEU B 255 12.16 -32.42 -7.71
N LEU B 256 12.56 -31.82 -8.85
CA LEU B 256 13.68 -32.34 -9.65
C LEU B 256 15.00 -32.27 -8.89
N ASN B 257 15.22 -31.20 -8.10
CA ASN B 257 16.45 -31.08 -7.32
C ASN B 257 16.48 -32.11 -6.21
N SER B 258 15.29 -32.45 -5.66
CA SER B 258 15.12 -33.43 -4.59
C SER B 258 15.40 -34.84 -5.12
N LEU B 259 14.81 -35.19 -6.29
CA LEU B 259 14.97 -36.48 -6.98
C LEU B 259 16.42 -36.69 -7.42
N LEU B 260 17.13 -35.62 -7.82
CA LEU B 260 18.52 -35.72 -8.22
C LEU B 260 19.35 -36.09 -6.98
N ALA B 261 19.11 -35.39 -5.85
CA ALA B 261 19.79 -35.62 -4.58
C ALA B 261 19.60 -37.05 -4.09
N VAL B 262 18.36 -37.57 -4.16
CA VAL B 262 18.02 -38.95 -3.76
C VAL B 262 18.81 -39.95 -4.63
N ILE B 263 18.86 -39.74 -5.95
CA ILE B 263 19.58 -40.63 -6.86
C ILE B 263 21.10 -40.55 -6.62
N LEU B 264 21.69 -39.34 -6.59
CA LEU B 264 23.14 -39.24 -6.40
C LEU B 264 23.59 -39.58 -4.97
N PHE B 265 23.04 -38.93 -3.92
CA PHE B 265 23.47 -39.20 -2.55
C PHE B 265 23.02 -40.59 -2.07
N GLY B 266 21.94 -41.12 -2.66
CA GLY B 266 21.44 -42.46 -2.34
C GLY B 266 22.44 -43.51 -2.75
N SER B 267 23.08 -43.31 -3.92
CA SER B 267 24.11 -44.20 -4.43
C SER B 267 25.32 -44.19 -3.46
N VAL B 268 25.83 -42.99 -3.08
CA VAL B 268 26.93 -42.83 -2.13
C VAL B 268 26.61 -43.57 -0.80
N PHE B 269 25.33 -43.58 -0.38
CA PHE B 269 24.88 -44.29 0.84
C PHE B 269 24.89 -45.81 0.62
N ILE B 270 24.38 -46.30 -0.54
CA ILE B 270 24.37 -47.74 -0.85
C ILE B 270 25.81 -48.27 -1.03
N TYR B 271 26.66 -47.51 -1.75
CA TYR B 271 28.07 -47.85 -1.98
C TYR B 271 28.80 -48.08 -0.65
N ASN B 272 28.68 -47.13 0.29
CA ASN B 272 29.34 -47.27 1.59
C ASN B 272 28.66 -48.33 2.47
N ILE B 273 27.38 -48.69 2.21
CA ILE B 273 26.74 -49.78 2.94
C ILE B 273 27.45 -51.06 2.56
N LEU B 274 27.57 -51.32 1.23
CA LEU B 274 28.22 -52.51 0.69
C LEU B 274 29.70 -52.58 1.13
N GLY B 275 30.35 -51.41 1.19
CA GLY B 275 31.70 -51.27 1.69
C GLY B 275 31.83 -51.70 3.15
N VAL B 276 30.80 -51.42 3.95
CA VAL B 276 30.78 -51.80 5.37
C VAL B 276 30.47 -53.31 5.49
N LEU B 277 29.55 -53.82 4.64
CA LEU B 277 29.17 -55.24 4.67
C LEU B 277 30.31 -56.17 4.21
N ASN B 278 31.19 -55.67 3.33
CA ASN B 278 32.29 -56.45 2.78
C ASN B 278 33.64 -56.09 3.45
N GLY B 279 33.58 -55.49 4.64
CA GLY B 279 34.77 -55.11 5.40
C GLY B 279 35.73 -54.15 4.74
N VAL B 280 35.36 -53.65 3.53
CA VAL B 280 36.16 -52.69 2.73
C VAL B 280 36.21 -51.30 3.42
N VAL B 281 35.07 -50.86 3.99
CA VAL B 281 34.88 -49.55 4.65
C VAL B 281 34.58 -49.75 6.16
N SER B 282 35.18 -48.90 7.04
CA SER B 282 34.91 -48.93 8.48
C SER B 282 33.53 -48.32 8.80
N ILE B 283 32.98 -48.59 10.00
CA ILE B 283 31.68 -48.03 10.39
C ILE B 283 31.86 -46.52 10.64
N GLY B 284 32.96 -46.13 11.28
CA GLY B 284 33.29 -44.72 11.51
C GLY B 284 33.21 -43.91 10.24
N HIS B 285 33.80 -44.44 9.15
CA HIS B 285 33.80 -43.79 7.85
C HIS B 285 32.41 -43.77 7.28
N PHE B 286 31.68 -44.88 7.41
CA PHE B 286 30.30 -44.97 6.90
C PHE B 286 29.41 -43.93 7.53
N ILE B 287 29.59 -43.71 8.86
CA ILE B 287 28.82 -42.75 9.61
C ILE B 287 29.22 -41.36 9.14
N MET B 288 30.52 -41.11 8.88
CA MET B 288 31.03 -39.82 8.39
C MET B 288 30.37 -39.49 7.01
N ILE B 289 30.38 -40.44 6.03
CA ILE B 289 29.70 -40.22 4.74
C ILE B 289 28.20 -40.02 4.97
N THR B 290 27.56 -40.87 5.80
CA THR B 290 26.15 -40.66 6.13
C THR B 290 25.98 -39.25 6.74
N SER B 291 26.82 -38.86 7.73
CA SER B 291 26.76 -37.53 8.38
C SER B 291 26.94 -36.39 7.38
N TYR B 292 27.82 -36.57 6.36
CA TYR B 292 28.04 -35.54 5.33
C TYR B 292 26.83 -35.41 4.45
N ILE B 293 26.26 -36.53 3.96
CA ILE B 293 25.05 -36.49 3.12
C ILE B 293 23.95 -35.65 3.81
N ILE B 294 23.70 -35.88 5.12
CA ILE B 294 22.70 -35.14 5.88
C ILE B 294 23.12 -33.67 6.04
N LEU B 295 24.34 -33.40 6.57
CA LEU B 295 24.83 -32.02 6.78
C LEU B 295 24.80 -31.15 5.46
N LEU B 296 25.12 -31.75 4.29
CA LEU B 296 25.18 -31.02 3.01
C LEU B 296 23.86 -30.39 2.53
N SER B 297 22.67 -30.86 3.00
CA SER B 297 21.39 -30.31 2.52
C SER B 297 21.28 -28.79 2.74
N THR B 298 21.52 -28.28 3.97
CA THR B 298 21.43 -26.83 4.24
C THR B 298 22.39 -26.02 3.31
N PRO B 299 23.72 -26.28 3.15
CA PRO B 299 24.49 -25.47 2.18
C PRO B 299 23.97 -25.62 0.73
N VAL B 300 23.46 -26.82 0.32
CA VAL B 300 22.86 -27.01 -1.02
C VAL B 300 21.62 -26.10 -1.13
N GLU B 301 20.80 -26.06 -0.06
CA GLU B 301 19.60 -25.21 0.02
C GLU B 301 19.97 -23.73 -0.09
N ASN B 302 20.99 -23.30 0.67
CA ASN B 302 21.48 -21.93 0.67
C ASN B 302 22.07 -21.54 -0.71
N ILE B 303 22.61 -22.51 -1.48
CA ILE B 303 23.11 -22.20 -2.82
C ILE B 303 21.90 -22.02 -3.74
N GLY B 304 20.97 -22.99 -3.76
CA GLY B 304 19.74 -22.94 -4.57
C GLY B 304 18.99 -21.63 -4.40
N ALA B 305 18.85 -21.21 -3.12
CA ALA B 305 18.25 -19.94 -2.73
C ALA B 305 18.99 -18.78 -3.38
N LEU B 306 20.32 -18.68 -3.16
CA LEU B 306 21.18 -17.62 -3.71
C LEU B 306 21.00 -17.50 -5.22
N LEU B 307 21.16 -18.60 -5.94
CA LEU B 307 21.00 -18.59 -7.41
C LEU B 307 19.61 -18.10 -7.84
N SER B 308 18.55 -18.42 -7.07
CA SER B 308 17.21 -17.95 -7.39
C SER B 308 17.02 -16.53 -6.85
N GLU B 309 16.97 -16.39 -5.52
CA GLU B 309 16.72 -15.12 -4.83
C GLU B 309 17.62 -13.95 -5.31
N ILE B 310 18.96 -14.12 -5.44
CA ILE B 310 19.79 -13.01 -5.94
C ILE B 310 19.28 -12.59 -7.35
N ARG B 311 19.17 -13.53 -8.32
CA ARG B 311 18.70 -13.14 -9.67
C ARG B 311 17.28 -12.59 -9.66
N GLN B 312 16.34 -13.23 -8.94
CA GLN B 312 14.98 -12.70 -9.00
C GLN B 312 14.82 -11.37 -8.24
N SER B 313 15.52 -11.16 -7.11
CA SER B 313 15.38 -9.88 -6.43
C SER B 313 16.17 -8.78 -7.15
N MET B 314 17.11 -9.18 -8.01
CA MET B 314 17.87 -8.17 -8.75
C MET B 314 17.07 -7.69 -9.94
N SER B 315 16.28 -8.59 -10.56
CA SER B 315 15.40 -8.28 -11.67
C SER B 315 14.25 -7.35 -11.19
N SER B 316 13.47 -7.79 -10.19
CA SER B 316 12.38 -6.99 -9.61
C SER B 316 12.87 -5.62 -9.05
N LEU B 317 14.12 -5.57 -8.54
CA LEU B 317 14.63 -4.29 -8.04
C LEU B 317 15.11 -3.43 -9.19
N ALA B 318 15.62 -4.04 -10.30
CA ALA B 318 16.05 -3.29 -11.48
C ALA B 318 14.86 -2.47 -12.00
N GLY B 319 13.75 -3.17 -12.27
CA GLY B 319 12.49 -2.61 -12.77
C GLY B 319 11.95 -1.46 -11.95
N PHE B 320 12.14 -1.49 -10.61
CA PHE B 320 11.73 -0.40 -9.72
C PHE B 320 12.63 0.82 -9.92
N ILE B 321 13.98 0.66 -9.88
CA ILE B 321 14.93 1.78 -10.07
C ILE B 321 14.68 2.47 -11.43
N GLN B 322 14.28 1.69 -12.47
CA GLN B 322 13.98 2.18 -13.82
C GLN B 322 12.82 3.20 -13.80
N ARG B 323 11.60 2.77 -13.44
CA ARG B 323 10.40 3.63 -13.40
C ARG B 323 10.41 4.68 -12.25
N HIS B 324 11.60 5.06 -11.72
CA HIS B 324 11.70 6.03 -10.61
C HIS B 324 12.96 6.94 -10.67
N ALA B 325 13.86 6.71 -11.64
CA ALA B 325 15.09 7.49 -11.83
C ALA B 325 15.41 7.76 -13.32
N GLU B 326 14.56 7.24 -14.24
CA GLU B 326 14.76 7.33 -15.69
C GLU B 326 14.41 8.69 -16.33
N ASN B 327 13.09 9.00 -16.45
CA ASN B 327 12.55 10.17 -17.14
C ASN B 327 13.16 11.53 -16.73
N LYS B 328 14.12 11.99 -17.57
CA LYS B 328 14.83 13.26 -17.46
C LYS B 328 15.37 13.67 -18.85
N ALA B 329 14.87 14.80 -19.40
CA ALA B 329 15.27 15.32 -20.70
C ALA B 329 16.68 15.94 -20.65
N THR B 330 16.84 17.16 -20.08
CA THR B 330 18.13 17.86 -19.96
C THR B 330 18.15 18.81 -18.74
N SER B 331 17.45 19.97 -18.83
CA SER B 331 17.36 21.05 -17.83
C SER B 331 18.75 21.68 -17.51
N PRO B 332 19.19 22.72 -18.28
CA PRO B 332 20.52 23.34 -18.01
C PRO B 332 20.60 24.13 -16.69
N SER B 333 19.63 25.06 -16.43
CA SER B 333 19.50 25.92 -15.24
C SER B 333 20.66 26.94 -15.05
N ILE B 334 20.42 28.02 -14.24
CA ILE B 334 21.38 29.08 -13.93
C ILE B 334 21.96 28.85 -12.52
N PRO B 335 23.29 29.05 -12.30
CA PRO B 335 23.89 28.80 -10.97
C PRO B 335 23.33 29.64 -9.81
N PHE B 336 23.57 30.97 -9.82
CA PHE B 336 23.08 31.87 -8.77
C PHE B 336 22.20 32.95 -9.38
N LEU B 337 20.88 32.69 -9.48
CA LEU B 337 19.94 33.64 -10.05
C LEU B 337 19.12 34.30 -8.95
N ASN B 338 19.08 35.64 -9.00
CA ASN B 338 18.32 36.49 -8.08
C ASN B 338 17.35 37.29 -8.94
N MET B 339 16.14 36.73 -9.14
CA MET B 339 15.08 37.26 -9.98
C MET B 339 14.64 38.67 -9.57
N GLU B 340 14.33 39.50 -10.60
CA GLU B 340 13.87 40.88 -10.46
C GLU B 340 12.45 40.91 -9.89
N ARG B 341 12.17 41.90 -9.01
CA ARG B 341 10.87 42.11 -8.38
C ARG B 341 9.75 42.29 -9.41
N LYS B 342 10.10 42.85 -10.59
CA LYS B 342 9.18 43.11 -11.69
C LYS B 342 9.54 42.22 -12.88
N LEU B 343 8.60 41.35 -13.28
CA LEU B 343 8.85 40.41 -14.38
C LEU B 343 7.76 40.48 -15.43
N ASN B 344 8.17 40.44 -16.70
CA ASN B 344 7.31 40.47 -17.87
C ASN B 344 7.36 39.11 -18.55
N LEU B 345 6.23 38.66 -19.10
CA LEU B 345 6.14 37.36 -19.74
C LEU B 345 6.08 37.49 -21.26
N SER B 346 6.90 36.73 -21.99
CA SER B 346 6.92 36.76 -23.46
C SER B 346 6.90 35.34 -24.07
N ILE B 347 5.73 34.91 -24.52
CA ILE B 347 5.50 33.59 -25.12
C ILE B 347 5.62 33.74 -26.64
N ARG B 348 6.60 33.07 -27.25
CA ARG B 348 6.85 33.19 -28.69
C ARG B 348 6.71 31.84 -29.45
N GLU B 349 5.66 31.75 -30.28
CA GLU B 349 5.29 30.62 -31.15
C GLU B 349 5.22 29.27 -30.38
N LEU B 350 4.69 29.31 -29.12
CA LEU B 350 4.55 28.15 -28.24
C LEU B 350 3.61 27.10 -28.83
N SER B 351 4.10 25.86 -28.88
CA SER B 351 3.38 24.69 -29.38
C SER B 351 3.51 23.58 -28.37
N PHE B 352 2.46 22.76 -28.25
CA PHE B 352 2.42 21.66 -27.29
C PHE B 352 1.44 20.57 -27.68
N SER B 353 1.79 19.35 -27.28
CA SER B 353 1.01 18.12 -27.41
C SER B 353 1.23 17.36 -26.12
N TYR B 354 0.18 16.72 -25.55
CA TYR B 354 0.38 15.94 -24.32
C TYR B 354 0.98 14.59 -24.73
N SER B 355 0.34 13.96 -25.71
CA SER B 355 0.78 12.72 -26.33
C SER B 355 1.32 13.11 -27.71
N ASP B 356 0.85 12.43 -28.76
CA ASP B 356 1.19 12.68 -30.15
C ASP B 356 -0.09 12.52 -30.94
N ASP B 357 -0.07 12.82 -32.25
CA ASP B 357 -1.24 12.76 -33.14
C ASP B 357 -2.13 14.01 -32.91
N LYS B 358 -2.27 14.47 -31.63
CA LYS B 358 -3.09 15.66 -31.30
C LYS B 358 -2.26 16.79 -30.68
N LYS B 359 -2.34 17.99 -31.31
CA LYS B 359 -1.71 19.23 -30.82
C LYS B 359 -2.71 19.98 -29.95
N ILE B 360 -2.28 20.43 -28.76
CA ILE B 360 -3.19 21.13 -27.83
C ILE B 360 -2.98 22.64 -27.98
N LEU B 361 -1.73 23.11 -28.08
CA LEU B 361 -1.39 24.53 -28.31
C LEU B 361 -0.72 24.64 -29.70
N ASN B 362 -1.39 25.35 -30.64
CA ASN B 362 -0.94 25.49 -32.03
C ASN B 362 0.30 26.38 -32.18
N SER B 363 0.21 27.71 -31.94
CA SER B 363 1.39 28.58 -32.02
C SER B 363 1.16 29.84 -31.22
N VAL B 364 0.87 29.67 -29.94
CA VAL B 364 0.56 30.74 -29.00
C VAL B 364 1.73 31.74 -28.94
N SER B 365 1.43 32.98 -29.34
CA SER B 365 2.33 34.12 -29.29
C SER B 365 1.61 35.19 -28.47
N LEU B 366 2.18 35.54 -27.33
CA LEU B 366 1.63 36.47 -26.34
C LEU B 366 2.75 37.35 -25.77
N ASP B 367 2.38 38.46 -25.14
CA ASP B 367 3.29 39.38 -24.48
C ASP B 367 2.56 40.08 -23.35
N LEU B 368 3.01 39.82 -22.13
CA LEU B 368 2.35 40.32 -20.93
C LEU B 368 3.33 41.13 -20.08
N PHE B 369 2.81 42.05 -19.26
CA PHE B 369 3.66 42.96 -18.49
C PHE B 369 3.26 43.12 -17.02
N THR B 370 4.24 43.54 -16.21
CA THR B 370 4.18 43.86 -14.79
C THR B 370 2.93 44.65 -14.40
N GLY B 371 2.45 44.49 -13.17
CA GLY B 371 1.32 45.20 -12.59
C GLY B 371 0.00 45.22 -13.34
N LYS B 372 -0.12 44.46 -14.43
CA LYS B 372 -1.35 44.43 -15.23
C LYS B 372 -2.06 43.09 -15.10
N MET B 373 -3.40 43.11 -15.02
CA MET B 373 -4.21 41.90 -14.92
C MET B 373 -4.72 41.46 -16.32
N TYR B 374 -4.55 40.19 -16.67
CA TYR B 374 -4.99 39.69 -17.99
C TYR B 374 -5.97 38.54 -17.84
N SER B 375 -6.98 38.48 -18.68
CA SER B 375 -7.95 37.39 -18.63
C SER B 375 -7.77 36.44 -19.80
N LEU B 376 -7.88 35.15 -19.52
CA LEU B 376 -7.76 34.15 -20.57
C LEU B 376 -9.01 33.30 -20.54
N THR B 377 -9.67 33.17 -21.69
CA THR B 377 -10.88 32.37 -21.77
C THR B 377 -10.90 31.61 -23.09
N GLY B 378 -11.90 30.75 -23.22
CA GLY B 378 -12.09 29.90 -24.39
C GLY B 378 -12.88 28.68 -24.01
N PRO B 379 -13.27 27.84 -25.00
CA PRO B 379 -14.06 26.65 -24.65
C PRO B 379 -13.25 25.61 -23.88
N SER B 380 -13.94 24.74 -23.13
CA SER B 380 -13.30 23.66 -22.36
C SER B 380 -12.67 22.67 -23.34
N GLY B 381 -11.35 22.70 -23.41
CA GLY B 381 -10.59 21.90 -24.38
C GLY B 381 -9.69 22.72 -25.29
N SER B 382 -9.74 24.05 -25.13
CA SER B 382 -8.91 24.98 -25.89
C SER B 382 -7.45 24.87 -25.42
N GLY B 383 -7.25 24.82 -24.10
CA GLY B 383 -5.94 24.68 -23.49
C GLY B 383 -5.49 25.83 -22.63
N LYS B 384 -6.37 26.29 -21.73
CA LYS B 384 -6.03 27.42 -20.86
C LYS B 384 -5.09 26.95 -19.76
N SER B 385 -5.53 25.87 -19.04
CA SER B 385 -4.80 25.17 -17.99
C SER B 385 -3.44 24.70 -18.55
N THR B 386 -3.46 23.95 -19.68
CA THR B 386 -2.25 23.50 -20.39
C THR B 386 -1.21 24.64 -20.50
N LEU B 387 -1.60 25.80 -21.10
CA LEU B 387 -0.76 26.97 -21.31
C LEU B 387 -0.19 27.50 -19.99
N VAL B 388 -1.03 27.69 -18.95
CA VAL B 388 -0.51 28.21 -17.68
C VAL B 388 0.37 27.15 -17.01
N LYS B 389 0.06 25.84 -17.19
CA LYS B 389 0.86 24.75 -16.62
C LYS B 389 2.29 24.82 -17.17
N ILE B 390 2.43 25.04 -18.52
CA ILE B 390 3.72 25.19 -19.23
C ILE B 390 4.45 26.44 -18.70
N ILE B 391 3.72 27.54 -18.47
CA ILE B 391 4.27 28.79 -17.91
C ILE B 391 4.78 28.47 -16.49
N SER B 392 4.05 27.58 -15.77
CA SER B 392 4.31 27.14 -14.39
C SER B 392 5.31 25.97 -14.32
N GLY B 393 5.93 25.65 -15.45
CA GLY B 393 6.94 24.61 -15.59
C GLY B 393 6.48 23.19 -15.30
N TYR B 394 5.18 22.88 -15.54
CA TYR B 394 4.67 21.51 -15.34
C TYR B 394 5.26 20.58 -16.39
N TYR B 395 5.41 21.10 -17.62
CA TYR B 395 5.91 20.38 -18.78
C TYR B 395 7.06 21.17 -19.43
N LYS B 396 8.06 20.43 -19.99
CA LYS B 396 9.26 21.00 -20.62
C LYS B 396 9.40 20.61 -22.12
N ASN B 397 8.60 19.63 -22.58
CA ASN B 397 8.63 19.14 -23.96
C ASN B 397 7.74 20.05 -24.85
N TYR B 398 8.14 21.32 -25.00
CA TYR B 398 7.38 22.27 -25.82
C TYR B 398 8.22 22.88 -26.93
N PHE B 399 7.57 23.16 -28.07
CA PHE B 399 8.16 23.84 -29.21
C PHE B 399 7.91 25.35 -29.04
N GLY B 400 8.90 26.16 -29.41
CA GLY B 400 8.82 27.60 -29.23
C GLY B 400 9.60 28.03 -28.00
N ASP B 401 9.46 29.29 -27.58
CA ASP B 401 10.20 29.81 -26.43
C ASP B 401 9.33 30.64 -25.49
N ILE B 402 9.69 30.69 -24.19
CA ILE B 402 9.01 31.46 -23.15
C ILE B 402 10.09 32.23 -22.37
N TYR B 403 9.99 33.58 -22.34
CA TYR B 403 10.98 34.40 -21.64
C TYR B 403 10.40 35.08 -20.41
N LEU B 404 11.28 35.51 -19.52
CA LEU B 404 10.96 36.19 -18.28
C LEU B 404 12.01 37.29 -18.08
N ASN B 405 11.86 38.42 -18.84
CA ASN B 405 12.80 39.55 -18.83
C ASN B 405 14.17 39.08 -19.39
N ASP B 406 14.18 38.63 -20.68
CA ASP B 406 15.35 38.11 -21.44
C ASP B 406 15.67 36.64 -21.11
N ILE B 407 15.58 36.23 -19.82
CA ILE B 407 15.87 34.87 -19.33
C ILE B 407 14.80 33.88 -19.81
N SER B 408 15.21 32.81 -20.52
CA SER B 408 14.28 31.78 -21.00
C SER B 408 13.89 30.86 -19.84
N LEU B 409 12.69 30.23 -19.91
CA LEU B 409 12.21 29.29 -18.88
C LEU B 409 13.14 28.09 -18.78
N ARG B 410 13.63 27.61 -19.94
CA ARG B 410 14.55 26.48 -20.08
C ARG B 410 15.81 26.67 -19.22
N ASN B 411 16.26 27.91 -19.05
CA ASN B 411 17.43 28.21 -18.24
C ASN B 411 17.02 28.67 -16.82
N ILE B 412 15.77 28.44 -16.39
CA ILE B 412 15.36 28.80 -15.02
C ILE B 412 15.17 27.52 -14.20
N SER B 413 15.79 27.48 -12.99
CA SER B 413 15.69 26.37 -12.05
C SER B 413 14.27 26.29 -11.49
N ASP B 414 13.70 25.06 -11.43
CA ASP B 414 12.36 24.80 -10.93
C ASP B 414 12.11 25.47 -9.57
N GLU B 415 13.15 25.64 -8.75
CA GLU B 415 13.00 26.32 -7.46
C GLU B 415 12.73 27.83 -7.69
N ASP B 416 13.54 28.50 -8.55
CA ASP B 416 13.43 29.94 -8.87
C ASP B 416 12.10 30.29 -9.57
N LEU B 417 11.70 29.47 -10.57
CA LEU B 417 10.44 29.55 -11.31
C LEU B 417 9.26 29.51 -10.34
N ASN B 418 9.28 28.59 -9.38
CA ASN B 418 8.24 28.44 -8.36
C ASN B 418 8.25 29.60 -7.36
N ASP B 419 9.36 30.36 -7.28
CA ASP B 419 9.43 31.53 -6.39
C ASP B 419 8.93 32.77 -7.14
N ALA B 420 9.13 32.79 -8.47
CA ALA B 420 8.73 33.87 -9.38
C ALA B 420 7.24 33.81 -9.73
N ILE B 421 6.72 32.60 -9.98
CA ILE B 421 5.34 32.36 -10.36
C ILE B 421 4.59 31.59 -9.27
N TYR B 422 3.31 31.91 -9.06
CA TYR B 422 2.49 31.13 -8.15
C TYR B 422 1.19 30.78 -8.85
N TYR B 423 1.01 29.49 -9.12
CA TYR B 423 -0.13 28.98 -9.84
C TYR B 423 -1.20 28.51 -8.86
N LEU B 424 -2.41 29.08 -8.96
CA LEU B 424 -3.56 28.64 -8.17
C LEU B 424 -4.36 27.72 -9.10
N THR B 425 -4.16 26.42 -8.90
CA THR B 425 -4.68 25.28 -9.66
C THR B 425 -6.21 25.20 -9.72
N GLN B 426 -6.73 24.61 -10.84
CA GLN B 426 -8.16 24.37 -11.08
C GLN B 426 -8.72 23.49 -9.96
N ASP B 427 -8.00 22.42 -9.55
CA ASP B 427 -8.41 21.56 -8.42
C ASP B 427 -7.57 21.90 -7.19
N ASP B 428 -8.14 21.73 -5.99
CA ASP B 428 -7.44 22.00 -4.74
C ASP B 428 -6.59 20.78 -4.25
N TYR B 429 -5.45 21.09 -3.60
CA TYR B 429 -4.55 20.11 -3.02
C TYR B 429 -4.34 20.43 -1.54
N ILE B 430 -5.23 19.88 -0.70
CA ILE B 430 -5.19 20.07 0.75
C ILE B 430 -4.59 18.81 1.39
N PHE B 431 -3.58 19.03 2.24
CA PHE B 431 -2.86 17.99 2.95
C PHE B 431 -3.66 17.54 4.15
N MET B 432 -3.72 16.21 4.39
CA MET B 432 -4.37 15.70 5.59
C MET B 432 -3.43 16.00 6.76
N ASP B 433 -3.65 17.15 7.40
CA ASP B 433 -2.86 17.68 8.50
C ASP B 433 -3.57 18.89 9.10
N THR B 434 -2.85 19.69 9.92
CA THR B 434 -3.39 20.91 10.51
C THR B 434 -3.49 22.00 9.45
N LEU B 435 -4.35 23.01 9.68
CA LEU B 435 -4.48 24.14 8.79
C LEU B 435 -3.12 24.83 8.73
N ARG B 436 -2.43 24.94 9.89
CA ARG B 436 -1.09 25.50 10.03
C ARG B 436 -0.12 24.83 9.03
N PHE B 437 -0.16 23.48 8.95
CA PHE B 437 0.70 22.71 8.05
C PHE B 437 0.41 23.05 6.60
N ASN B 438 -0.88 23.11 6.22
CA ASN B 438 -1.31 23.46 4.86
C ASN B 438 -0.86 24.84 4.42
N LEU B 439 -0.72 25.77 5.38
CA LEU B 439 -0.29 27.13 5.05
C LEU B 439 1.23 27.21 5.11
N ARG B 440 1.88 26.44 6.03
CA ARG B 440 3.35 26.41 6.14
C ARG B 440 3.99 25.80 4.87
N LEU B 441 3.18 25.13 4.02
CA LEU B 441 3.57 24.56 2.74
C LEU B 441 4.11 25.68 1.84
N ALA B 442 3.45 26.88 1.90
CA ALA B 442 3.78 28.09 1.16
C ALA B 442 5.09 28.77 1.66
N ASN B 443 5.32 28.79 2.99
CA ASN B 443 6.51 29.35 3.63
C ASN B 443 6.75 28.67 5.00
N TYR B 444 7.86 27.88 5.08
CA TYR B 444 8.26 27.10 6.25
C TYR B 444 8.52 27.99 7.49
N ASP B 445 9.29 29.06 7.29
CA ASP B 445 9.76 29.96 8.35
C ASP B 445 8.67 30.94 8.88
N ALA B 446 7.44 30.89 8.34
CA ALA B 446 6.32 31.76 8.74
C ALA B 446 5.93 31.60 10.21
N SER B 447 5.79 32.73 10.93
CA SER B 447 5.40 32.80 12.35
C SER B 447 3.90 32.65 12.52
N GLU B 448 3.43 32.35 13.73
CA GLU B 448 2.01 32.18 14.07
C GLU B 448 1.13 33.36 13.63
N ASN B 449 1.67 34.60 13.71
CA ASN B 449 0.96 35.83 13.34
C ASN B 449 0.87 35.97 11.82
N GLU B 450 2.00 35.81 11.08
CA GLU B 450 2.05 35.88 9.61
C GLU B 450 0.99 34.97 8.98
N ILE B 451 0.77 33.81 9.59
CA ILE B 451 -0.17 32.76 9.17
C ILE B 451 -1.62 33.21 9.47
N PHE B 452 -1.89 33.74 10.68
CA PHE B 452 -3.23 34.19 11.06
C PHE B 452 -3.66 35.42 10.25
N LYS B 453 -2.70 36.34 9.95
CA LYS B 453 -2.90 37.55 9.13
C LYS B 453 -3.44 37.16 7.75
N VAL B 454 -2.84 36.11 7.17
CA VAL B 454 -3.14 35.51 5.88
C VAL B 454 -4.56 34.89 5.87
N LEU B 455 -5.07 34.40 7.02
CA LEU B 455 -6.40 33.82 7.08
C LEU B 455 -7.45 34.90 6.78
N LYS B 456 -7.25 36.14 7.31
CA LYS B 456 -8.15 37.28 7.08
C LYS B 456 -8.20 37.62 5.59
N LEU B 457 -7.02 37.66 4.93
CA LEU B 457 -6.83 37.94 3.49
C LEU B 457 -7.53 36.92 2.60
N ALA B 458 -7.66 35.68 3.09
CA ALA B 458 -8.33 34.63 2.35
C ALA B 458 -9.76 34.44 2.85
N ASN B 459 -10.19 35.28 3.83
CA ASN B 459 -11.49 35.26 4.52
C ASN B 459 -11.71 33.89 5.17
N LEU B 460 -10.67 33.41 5.88
CA LEU B 460 -10.68 32.12 6.58
C LEU B 460 -10.33 32.28 8.05
N SER B 461 -10.49 33.50 8.59
CA SER B 461 -10.21 33.77 10.01
C SER B 461 -11.40 33.44 10.92
N VAL B 462 -12.64 33.35 10.36
CA VAL B 462 -13.88 33.02 11.08
C VAL B 462 -14.76 32.12 10.21
N VAL B 463 -15.24 30.99 10.77
CA VAL B 463 -16.17 30.04 10.14
C VAL B 463 -17.34 29.79 11.11
N ASN B 464 -18.59 30.06 10.66
CA ASN B 464 -19.85 29.89 11.41
C ASN B 464 -19.81 30.66 12.74
N ASN B 465 -19.52 31.99 12.66
CA ASN B 465 -19.41 32.94 13.77
C ASN B 465 -18.37 32.48 14.85
N GLU B 466 -17.49 31.52 14.49
CA GLU B 466 -16.46 30.99 15.40
C GLU B 466 -15.06 31.28 14.85
N PRO B 467 -14.08 31.71 15.70
CA PRO B 467 -12.72 31.97 15.18
C PRO B 467 -12.02 30.67 14.79
N VAL B 468 -11.43 30.65 13.59
CA VAL B 468 -10.77 29.47 13.03
C VAL B 468 -9.42 29.25 13.71
N SER B 469 -9.21 28.02 14.23
CA SER B 469 -7.97 27.59 14.88
C SER B 469 -6.97 27.07 13.85
N LEU B 470 -5.68 27.42 14.02
CA LEU B 470 -4.61 26.96 13.11
C LEU B 470 -4.34 25.47 13.26
N ASP B 471 -4.85 24.87 14.35
CA ASP B 471 -4.72 23.46 14.72
C ASP B 471 -5.92 22.64 14.24
N THR B 472 -6.77 23.19 13.34
CA THR B 472 -7.94 22.49 12.80
C THR B 472 -7.44 21.28 12.00
N HIS B 473 -7.86 20.07 12.40
CA HIS B 473 -7.39 18.90 11.65
C HIS B 473 -8.20 18.76 10.38
N LEU B 474 -7.51 18.59 9.26
CA LEU B 474 -8.12 18.46 7.94
C LEU B 474 -8.02 17.04 7.44
N ILE B 475 -9.20 16.39 7.26
CA ILE B 475 -9.43 15.04 6.73
C ILE B 475 -8.83 14.86 5.30
N ASN B 476 -8.82 13.60 4.79
CA ASN B 476 -8.37 13.22 3.43
C ASN B 476 -9.08 14.12 2.40
N ARG B 477 -8.27 14.76 1.50
CA ARG B 477 -8.71 15.67 0.44
C ARG B 477 -9.41 16.92 1.00
N GLY B 478 -9.21 17.20 2.29
CA GLY B 478 -9.82 18.33 2.99
C GLY B 478 -11.34 18.39 2.94
N ASN B 479 -12.04 17.24 2.75
CA ASN B 479 -13.51 17.14 2.67
C ASN B 479 -14.21 17.37 4.04
N ASN B 480 -13.43 17.91 4.97
CA ASN B 480 -13.74 18.38 6.31
C ASN B 480 -14.23 19.83 6.16
N TYR B 481 -13.88 20.42 5.01
CA TYR B 481 -14.16 21.79 4.62
C TYR B 481 -14.99 21.83 3.33
N SER B 482 -15.80 22.89 3.22
CA SER B 482 -16.66 23.18 2.08
C SER B 482 -15.82 23.52 0.85
N GLY B 483 -16.37 23.28 -0.36
CA GLY B 483 -15.73 23.56 -1.64
C GLY B 483 -14.99 24.89 -1.69
N GLY B 484 -15.69 25.94 -1.26
CA GLY B 484 -15.16 27.30 -1.18
C GLY B 484 -14.10 27.47 -0.10
N GLN B 485 -14.31 26.84 1.10
CA GLN B 485 -13.34 26.87 2.20
C GLN B 485 -12.03 26.18 1.78
N LYS B 486 -12.14 25.17 0.85
CA LYS B 486 -10.97 24.47 0.29
C LYS B 486 -10.19 25.47 -0.56
N GLN B 487 -10.88 26.17 -1.49
CA GLN B 487 -10.33 27.20 -2.39
C GLN B 487 -9.62 28.31 -1.60
N ARG B 488 -10.19 28.68 -0.45
CA ARG B 488 -9.64 29.72 0.41
C ARG B 488 -8.31 29.28 1.03
N ILE B 489 -8.12 27.95 1.36
CA ILE B 489 -6.84 27.43 1.90
C ILE B 489 -5.74 27.71 0.88
N SER B 490 -5.97 27.27 -0.37
CA SER B 490 -5.05 27.46 -1.48
C SER B 490 -4.80 28.95 -1.73
N LEU B 491 -5.83 29.81 -1.56
CA LEU B 491 -5.71 31.26 -1.72
C LEU B 491 -4.85 31.88 -0.59
N ALA B 492 -5.05 31.42 0.67
CA ALA B 492 -4.29 31.87 1.83
C ALA B 492 -2.78 31.59 1.65
N ARG B 493 -2.43 30.50 0.93
CA ARG B 493 -1.05 30.11 0.66
C ARG B 493 -0.34 31.21 -0.12
N LEU B 494 -1.01 31.77 -1.17
CA LEU B 494 -0.51 32.84 -2.04
C LEU B 494 -0.02 34.06 -1.24
N PHE B 495 -0.74 34.42 -0.17
CA PHE B 495 -0.39 35.57 0.66
C PHE B 495 0.95 35.41 1.42
N LEU B 496 1.40 34.17 1.72
CA LEU B 496 2.68 33.89 2.42
C LEU B 496 3.84 33.88 1.43
N ARG B 497 3.54 33.51 0.18
CA ARG B 497 4.46 33.49 -0.95
C ARG B 497 4.74 34.93 -1.42
N LYS B 498 5.78 35.14 -2.27
CA LYS B 498 6.12 36.48 -2.77
C LYS B 498 6.40 36.41 -4.30
N PRO B 499 5.36 36.22 -5.17
CA PRO B 499 5.64 36.04 -6.61
C PRO B 499 5.54 37.31 -7.47
N ALA B 500 6.11 37.21 -8.68
CA ALA B 500 6.09 38.23 -9.70
C ALA B 500 4.88 38.01 -10.61
N ILE B 501 4.59 36.73 -10.92
CA ILE B 501 3.42 36.34 -11.71
C ILE B 501 2.44 35.59 -10.79
N ILE B 502 1.12 35.86 -10.91
CA ILE B 502 0.08 35.16 -10.13
C ILE B 502 -0.97 34.59 -11.09
N ILE B 503 -1.06 33.26 -11.19
CA ILE B 503 -2.07 32.65 -12.08
C ILE B 503 -3.25 32.13 -11.25
N ILE B 504 -4.49 32.51 -11.62
CA ILE B 504 -5.72 32.10 -10.92
C ILE B 504 -6.59 31.26 -11.87
N ASP B 505 -6.30 29.92 -12.01
CA ASP B 505 -7.05 29.05 -12.96
C ASP B 505 -8.36 28.60 -12.33
N GLU B 506 -9.46 29.32 -12.61
CA GLU B 506 -10.84 29.06 -12.12
C GLU B 506 -10.80 28.74 -10.58
N ALA B 507 -9.80 29.31 -9.90
CA ALA B 507 -9.46 29.06 -8.52
C ALA B 507 -10.40 29.72 -7.48
N THR B 508 -11.39 30.51 -7.96
CA THR B 508 -12.38 31.21 -7.12
C THR B 508 -13.85 30.73 -7.39
N SER B 509 -14.03 29.77 -8.34
CA SER B 509 -15.34 29.31 -8.83
C SER B 509 -16.31 28.87 -7.73
N ALA B 510 -15.84 28.22 -6.68
CA ALA B 510 -16.67 27.74 -5.58
C ALA B 510 -17.08 28.84 -4.57
N LEU B 511 -16.48 30.06 -4.64
CA LEU B 511 -16.80 31.16 -3.71
C LEU B 511 -18.04 32.00 -4.13
N ASP B 512 -18.70 32.63 -3.13
CA ASP B 512 -19.82 33.55 -3.34
C ASP B 512 -19.28 34.90 -3.83
N TYR B 513 -20.15 35.71 -4.49
CA TYR B 513 -19.84 36.99 -5.11
C TYR B 513 -19.08 37.97 -4.18
N ILE B 514 -19.45 38.02 -2.88
CA ILE B 514 -18.86 38.87 -1.83
C ILE B 514 -17.40 38.49 -1.62
N ASN B 515 -17.20 37.18 -1.26
CA ASN B 515 -15.89 36.58 -0.98
C ASN B 515 -14.98 36.68 -2.19
N GLU B 516 -15.46 36.23 -3.38
CA GLU B 516 -14.71 36.25 -4.63
C GLU B 516 -14.05 37.61 -4.85
N SER B 517 -14.86 38.67 -4.81
CA SER B 517 -14.45 40.06 -5.02
C SER B 517 -13.47 40.54 -3.94
N GLU B 518 -13.77 40.28 -2.64
CA GLU B 518 -12.94 40.70 -1.50
C GLU B 518 -11.52 40.09 -1.58
N ILE B 519 -11.41 38.78 -1.90
CA ILE B 519 -10.11 38.10 -2.00
C ILE B 519 -9.35 38.62 -3.21
N LEU B 520 -9.98 38.61 -4.41
CA LEU B 520 -9.40 39.13 -5.66
C LEU B 520 -8.94 40.60 -5.53
N SER B 521 -9.62 41.35 -4.64
CA SER B 521 -9.26 42.73 -4.32
C SER B 521 -7.98 42.75 -3.52
N SER B 522 -7.94 41.92 -2.44
CA SER B 522 -6.83 41.75 -1.50
C SER B 522 -5.59 41.26 -2.21
N ILE B 523 -5.75 40.42 -3.27
CA ILE B 523 -4.64 39.92 -4.07
C ILE B 523 -3.90 41.14 -4.71
N ARG B 524 -4.64 41.97 -5.49
CA ARG B 524 -4.09 43.14 -6.18
C ARG B 524 -3.51 44.20 -5.23
N THR B 525 -4.12 44.36 -4.04
CA THR B 525 -3.67 45.28 -3.01
C THR B 525 -2.31 44.81 -2.45
N HIS B 526 -2.22 43.53 -1.99
CA HIS B 526 -1.02 42.93 -1.40
CA HIS B 526 -1.02 42.93 -1.40
C HIS B 526 0.09 42.72 -2.42
N PHE B 527 -0.26 42.46 -3.70
CA PHE B 527 0.72 42.26 -4.76
C PHE B 527 0.48 43.31 -5.86
N PRO B 528 0.93 44.58 -5.63
CA PRO B 528 0.65 45.66 -6.58
C PRO B 528 1.38 45.53 -7.92
N ASP B 529 2.65 45.08 -7.91
CA ASP B 529 3.45 44.95 -9.13
C ASP B 529 3.29 43.58 -9.80
N ALA B 530 2.42 42.70 -9.27
CA ALA B 530 2.28 41.35 -9.82
C ALA B 530 1.47 41.26 -11.09
N LEU B 531 2.05 40.59 -12.12
CA LEU B 531 1.39 40.28 -13.39
C LEU B 531 0.33 39.22 -13.06
N ILE B 532 -0.95 39.45 -13.39
CA ILE B 532 -1.97 38.45 -13.03
C ILE B 532 -2.65 37.78 -14.25
N ILE B 533 -2.50 36.48 -14.42
CA ILE B 533 -3.27 35.80 -15.48
C ILE B 533 -4.52 35.20 -14.78
N ASN B 534 -5.71 35.49 -15.32
CA ASN B 534 -6.96 34.98 -14.76
C ASN B 534 -7.75 34.11 -15.79
N ILE B 535 -7.96 32.82 -15.45
CA ILE B 535 -8.75 31.96 -16.33
C ILE B 535 -10.15 31.90 -15.74
N SER B 536 -11.16 32.31 -16.57
CA SER B 536 -12.60 32.33 -16.20
C SER B 536 -13.52 32.32 -17.43
N HIS B 537 -14.73 31.75 -17.25
CA HIS B 537 -15.83 31.69 -18.23
C HIS B 537 -16.86 32.79 -17.91
N ARG B 538 -16.57 33.65 -16.90
CA ARG B 538 -17.49 34.65 -16.38
C ARG B 538 -17.08 36.09 -16.72
N ILE B 539 -18.06 36.83 -17.27
CA ILE B 539 -17.98 38.19 -17.79
C ILE B 539 -17.41 39.18 -16.75
N ASN B 540 -17.87 39.15 -15.48
CA ASN B 540 -17.38 40.08 -14.44
C ASN B 540 -15.88 39.90 -14.14
N LEU B 541 -15.35 38.67 -14.26
CA LEU B 541 -13.94 38.40 -14.02
C LEU B 541 -13.13 38.78 -15.25
N LEU B 542 -13.76 38.72 -16.45
CA LEU B 542 -13.18 39.11 -17.73
C LEU B 542 -13.16 40.64 -17.88
N GLU B 543 -14.23 41.34 -17.42
CA GLU B 543 -14.42 42.79 -17.46
C GLU B 543 -13.29 43.54 -16.77
N CYS B 544 -12.96 43.15 -15.53
CA CYS B 544 -11.99 43.75 -14.62
C CYS B 544 -10.55 43.80 -15.18
N SER B 545 -10.21 42.89 -16.09
CA SER B 545 -8.85 42.78 -16.64
C SER B 545 -8.44 43.95 -17.57
N ASP B 546 -7.13 44.23 -17.63
CA ASP B 546 -6.51 45.25 -18.48
C ASP B 546 -6.55 44.81 -19.95
N CYS B 547 -6.58 43.49 -20.20
CA CYS B 547 -6.66 42.91 -21.54
C CYS B 547 -7.23 41.47 -21.46
N VAL B 548 -7.97 41.05 -22.47
CA VAL B 548 -8.57 39.71 -22.54
C VAL B 548 -7.98 38.96 -23.73
N TYR B 549 -7.67 37.68 -23.53
CA TYR B 549 -7.15 36.79 -24.56
C TYR B 549 -8.11 35.61 -24.73
N VAL B 550 -8.54 35.33 -25.96
CA VAL B 550 -9.47 34.23 -26.26
C VAL B 550 -8.73 33.12 -26.95
N LEU B 551 -8.67 31.95 -26.29
CA LEU B 551 -8.02 30.77 -26.84
C LEU B 551 -9.07 29.84 -27.45
N ASN B 552 -8.87 29.45 -28.72
CA ASN B 552 -9.79 28.53 -29.39
C ASN B 552 -8.97 27.53 -30.19
N GLU B 553 -9.14 26.22 -29.82
CA GLU B 553 -8.46 25.04 -30.41
C GLU B 553 -6.94 25.25 -30.53
N GLY B 554 -6.33 25.68 -29.44
CA GLY B 554 -4.89 25.84 -29.39
C GLY B 554 -4.34 27.20 -29.73
N ASN B 555 -4.99 27.92 -30.67
CA ASN B 555 -4.51 29.25 -31.09
C ASN B 555 -5.29 30.36 -30.43
N ILE B 556 -4.57 31.46 -30.12
CA ILE B 556 -5.10 32.70 -29.56
C ILE B 556 -5.84 33.42 -30.72
N VAL B 557 -7.19 33.44 -30.67
CA VAL B 557 -8.02 33.99 -31.74
C VAL B 557 -8.42 35.48 -31.55
N ALA B 558 -8.34 36.03 -30.31
CA ALA B 558 -8.77 37.41 -30.08
C ALA B 558 -8.07 38.06 -28.89
N SER B 559 -7.77 39.35 -29.00
CA SER B 559 -7.09 40.12 -27.95
C SER B 559 -7.77 41.49 -27.71
N GLY B 560 -7.24 42.28 -26.76
CA GLY B 560 -7.76 43.61 -26.45
C GLY B 560 -8.73 43.66 -25.28
N HIS B 561 -9.39 44.83 -25.10
CA HIS B 561 -10.38 45.07 -24.05
C HIS B 561 -11.62 44.19 -24.24
N PHE B 562 -12.29 43.87 -23.12
CA PHE B 562 -13.48 43.02 -23.12
C PHE B 562 -14.61 43.64 -23.97
N ARG B 563 -14.86 44.96 -23.82
CA ARG B 563 -15.91 45.72 -24.53
C ARG B 563 -15.69 45.70 -26.06
N ASP B 564 -14.43 45.78 -26.48
CA ASP B 564 -14.03 45.73 -27.89
C ASP B 564 -14.18 44.30 -28.47
N LEU B 565 -14.38 43.28 -27.58
CA LEU B 565 -14.45 41.87 -27.91
C LEU B 565 -15.82 41.24 -27.80
N MET B 566 -16.67 41.75 -26.87
CA MET B 566 -18.00 41.21 -26.57
C MET B 566 -18.96 41.17 -27.78
N VAL B 567 -18.59 41.79 -28.89
CA VAL B 567 -19.40 41.76 -30.11
C VAL B 567 -18.54 41.16 -31.25
N SER B 568 -17.25 41.59 -31.37
CA SER B 568 -16.30 41.12 -32.40
C SER B 568 -16.15 39.59 -32.35
N ASN B 569 -15.73 39.05 -31.18
CA ASN B 569 -15.42 37.65 -30.93
C ASN B 569 -16.66 36.75 -30.73
N GLU B 570 -16.64 35.59 -31.42
CA GLU B 570 -17.70 34.57 -31.44
C GLU B 570 -17.90 33.91 -30.06
N TYR B 571 -16.82 33.67 -29.31
CA TYR B 571 -16.91 33.01 -28.01
C TYR B 571 -17.44 33.95 -26.95
N ILE B 572 -16.83 35.14 -26.76
CA ILE B 572 -17.21 36.10 -25.72
C ILE B 572 -18.65 36.62 -25.95
N SER B 573 -19.13 36.66 -27.21
CA SER B 573 -20.51 37.02 -27.50
C SER B 573 -21.43 35.90 -26.98
N GLY B 574 -20.95 34.64 -27.07
CA GLY B 574 -21.63 33.44 -26.59
C GLY B 574 -21.78 33.42 -25.08
N LEU B 575 -20.81 34.03 -24.37
CA LEU B 575 -20.80 34.19 -22.92
C LEU B 575 -21.79 35.28 -22.56
N ALA B 576 -21.67 36.44 -23.26
CA ALA B 576 -22.51 37.62 -23.10
C ALA B 576 -23.84 37.43 -23.88
N SER B 577 -24.45 36.25 -23.69
CA SER B 577 -25.75 35.85 -24.23
C SER B 577 -26.80 36.14 -23.15
N VAL B 578 -26.40 35.87 -21.89
CA VAL B 578 -27.19 36.12 -20.69
C VAL B 578 -27.24 37.66 -20.50
N THR B 579 -28.39 38.17 -19.97
CA THR B 579 -28.69 39.59 -19.70
C THR B 579 -28.46 40.48 -20.92
PG ANP C . -19.72 25.93 -0.66
O1G ANP C . -19.66 27.37 -1.28
O2G ANP C . -18.18 25.70 -0.61
O3G ANP C . -20.54 25.05 -1.56
PB ANP C . -21.49 25.25 1.60
O1B ANP C . -22.15 26.32 2.56
O2B ANP C . -22.42 24.57 0.67
N3B ANP C . -20.20 25.99 0.91
PA ANP C . -20.87 22.82 3.21
O1A ANP C . -22.30 22.24 3.31
O2A ANP C . -19.94 22.11 2.32
O3A ANP C . -21.05 24.27 2.70
O5' ANP C . -20.43 22.95 4.76
C5' ANP C . -21.09 23.75 5.75
C4' ANP C . -20.29 23.78 7.02
O4' ANP C . -20.03 22.43 7.49
C3' ANP C . -18.91 24.46 6.98
O3' ANP C . -18.66 25.17 8.19
C2' ANP C . -17.95 23.30 6.79
O2' ANP C . -16.65 23.55 7.33
C1' ANP C . -18.64 22.17 7.57
N9 ANP C . -18.39 20.84 7.03
C8 ANP C . -18.66 20.39 5.76
N7 ANP C . -18.33 19.14 5.55
C5 ANP C . -17.80 18.73 6.77
C6 ANP C . -17.25 17.51 7.20
N6 ANP C . -17.19 16.41 6.44
N1 ANP C . -16.78 17.45 8.48
C2 ANP C . -16.88 18.53 9.25
N3 ANP C . -17.39 19.74 8.96
C4 ANP C . -17.83 19.77 7.68
MG MG D . -21.15 23.17 -1.06
C1 BNG E . 20.02 -35.19 15.37
C2 BNG E . 20.03 -34.29 14.15
C3 BNG E . 18.64 -33.68 13.92
C4 BNG E . 17.57 -34.78 13.89
C5 BNG E . 17.66 -35.63 15.15
C6 BNG E . 16.72 -36.82 15.15
C1' BNG E . 21.84 -35.79 16.77
C2' BNG E . 23.26 -36.29 16.72
C3' BNG E . 23.35 -37.80 16.62
C4' BNG E . 24.68 -38.38 17.12
C5' BNG E . 24.71 -38.77 18.60
C6' BNG E . 25.23 -37.70 19.55
C7' BNG E . 26.76 -37.60 19.62
C8' BNG E . 27.34 -37.48 21.03
C9' BNG E . 26.96 -36.21 21.79
O1 BNG E . 21.26 -35.83 15.47
O2 BNG E . 21.01 -33.25 14.31
O3 BNG E . 18.62 -32.97 12.68
O4 BNG E . 16.27 -34.21 13.73
O5 BNG E . 19.00 -36.17 15.28
O6 BNG E . 17.01 -37.70 16.23
PG ANP F . -11.42 23.87 -18.93
O1G ANP F . -12.59 24.89 -19.24
O2G ANP F . -12.36 22.68 -18.61
O3G ANP F . -10.59 24.42 -17.84
PB ANP F . -9.04 24.04 -20.65
O1B ANP F . -9.05 24.56 -22.15
O2B ANP F . -8.39 24.97 -19.70
N3B ANP F . -10.57 23.51 -20.30
PA ANP F . -6.97 21.87 -20.51
O1A ANP F . -5.73 22.78 -20.61
O2A ANP F . -7.27 21.26 -19.19
O3A ANP F . -8.13 22.83 -20.90
O5' ANP F . -6.78 20.82 -21.72
C5' ANP F . -7.04 21.10 -23.11
C4' ANP F . -7.17 19.79 -23.85
O4' ANP F . -6.10 18.90 -23.48
C3' ANP F . -8.48 19.02 -23.65
O3' ANP F . -9.04 18.57 -24.90
C2' ANP F . -8.09 17.83 -22.76
O2' ANP F . -8.77 16.65 -23.14
C1' ANP F . -6.60 17.65 -23.03
N9 ANP F . -5.83 17.25 -21.85
C8 ANP F . -5.80 17.88 -20.63
N7 ANP F . -5.01 17.30 -19.76
C5 ANP F . -4.49 16.22 -20.45
C6 ANP F . -3.57 15.22 -20.08
N6 ANP F . -2.96 15.17 -18.89
N1 ANP F . -3.27 14.27 -21.00
C2 ANP F . -3.84 14.34 -22.21
N3 ANP F . -4.71 15.24 -22.67
C4 ANP F . -4.99 16.17 -21.74
MG MG G . -8.60 24.57 -17.66
C1 BNG H . 23.84 -36.08 11.66
C2 BNG H . 22.67 -35.14 11.87
C3 BNG H . 22.93 -33.77 11.28
C4 BNG H . 24.27 -33.21 11.76
C5 BNG H . 25.38 -34.23 11.51
C6 BNG H . 26.72 -33.81 12.11
C1' BNG H . 24.04 -38.46 11.78
C2' BNG H . 24.24 -39.48 12.87
C3' BNG H . 24.62 -40.85 12.34
C4' BNG H . 23.99 -41.98 13.12
C5' BNG H . 24.95 -42.93 13.86
C6' BNG H . 25.79 -42.33 15.00
C7' BNG H . 26.15 -43.35 16.10
C8' BNG H . 27.38 -43.00 16.93
C9' BNG H . 27.24 -41.77 17.80
O1 BNG H . 23.61 -37.24 12.40
O2 BNG H . 21.48 -35.70 11.31
O3 BNG H . 21.89 -32.88 11.66
O4 BNG H . 24.55 -31.99 11.06
O5 BNG H . 25.05 -35.48 12.12
O6 BNG H . 27.09 -32.48 11.78
#